data_2LLO
#
_entry.id   2LLO
#
loop_
_entity.id
_entity.type
_entity.pdbx_description
1 polymer Calmodulin
2 polymer 'Estrogen receptor'
3 non-polymer 'CALCIUM ION'
#
loop_
_entity_poly.entity_id
_entity_poly.type
_entity_poly.pdbx_seq_one_letter_code
_entity_poly.pdbx_strand_id
1 'polypeptide(L)' ADQLTEEQIAEFKEAFSLFDKDGDGTITTKELGTVMRSLGQNPTEAELQDMINEVDADGNGTIDFPEFLTMMARKMKDTD A
2 'polypeptide(L)' RAANLWPSPLMIKRSKKNS B
#
loop_
_chem_comp.id
_chem_comp.type
_chem_comp.name
_chem_comp.formula
CA non-polymer 'CALCIUM ION' 'Ca 2'
#
# COMPACT_ATOMS: atom_id res chain seq x y z
N ALA A 1 16.36 24.88 -8.73
CA ALA A 1 16.51 23.47 -8.29
C ALA A 1 15.28 22.66 -8.71
N ASP A 2 15.20 21.43 -8.23
CA ASP A 2 14.08 20.56 -8.53
C ASP A 2 12.97 20.72 -7.49
N GLN A 3 12.59 21.97 -7.24
CA GLN A 3 11.56 22.27 -6.26
C GLN A 3 10.22 21.71 -6.71
N LEU A 4 9.82 22.03 -7.93
CA LEU A 4 8.56 21.55 -8.46
C LEU A 4 8.77 20.22 -9.18
N THR A 5 8.90 19.16 -8.39
CA THR A 5 9.11 17.83 -8.95
C THR A 5 7.80 17.22 -9.42
N GLU A 6 7.07 16.60 -8.50
CA GLU A 6 5.81 15.96 -8.84
C GLU A 6 6.00 14.97 -9.97
N GLU A 7 6.92 14.03 -9.76
CA GLU A 7 7.25 13.03 -10.75
C GLU A 7 6.88 11.63 -10.23
N GLN A 8 7.38 11.33 -9.04
CA GLN A 8 7.12 10.06 -8.40
C GLN A 8 5.99 10.21 -7.41
N ILE A 9 5.94 11.39 -6.79
CA ILE A 9 4.91 11.72 -5.81
C ILE A 9 3.51 11.59 -6.39
N ALA A 10 3.40 11.75 -7.71
CA ALA A 10 2.12 11.64 -8.40
C ALA A 10 1.58 10.22 -8.30
N GLU A 11 2.48 9.26 -8.15
CA GLU A 11 2.10 7.86 -8.05
C GLU A 11 1.72 7.47 -6.63
N PHE A 12 2.18 8.26 -5.66
CA PHE A 12 1.86 7.99 -4.26
C PHE A 12 0.42 8.40 -3.99
N LYS A 13 0.02 9.52 -4.57
CA LYS A 13 -1.33 10.03 -4.42
C LYS A 13 -2.32 9.13 -5.14
N GLU A 14 -1.81 8.38 -6.11
CA GLU A 14 -2.63 7.47 -6.88
C GLU A 14 -3.08 6.29 -6.01
N ALA A 15 -2.29 5.98 -5.00
CA ALA A 15 -2.62 4.88 -4.10
C ALA A 15 -3.94 5.18 -3.40
N PHE A 16 -4.07 6.39 -2.88
CA PHE A 16 -5.29 6.80 -2.16
C PHE A 16 -6.45 7.05 -3.14
N SER A 17 -6.20 6.81 -4.42
CA SER A 17 -7.22 7.02 -5.45
C SER A 17 -7.69 5.70 -6.07
N LEU A 18 -6.76 4.76 -6.21
CA LEU A 18 -7.07 3.46 -6.82
C LEU A 18 -7.18 2.35 -5.78
N PHE A 19 -6.49 2.50 -4.66
CA PHE A 19 -6.50 1.48 -3.63
C PHE A 19 -7.73 1.62 -2.72
N ASP A 20 -7.99 2.83 -2.25
CA ASP A 20 -9.13 3.08 -1.37
C ASP A 20 -10.36 3.50 -2.16
N LYS A 21 -11.52 2.99 -1.75
CA LYS A 21 -12.79 3.31 -2.41
C LYS A 21 -13.79 3.84 -1.41
N ASP A 22 -13.37 3.99 -0.15
CA ASP A 22 -14.27 4.49 0.88
C ASP A 22 -14.18 6.00 0.95
N GLY A 23 -13.03 6.54 0.60
CA GLY A 23 -12.84 7.97 0.64
C GLY A 23 -12.15 8.38 1.91
N ASP A 24 -11.37 7.46 2.46
CA ASP A 24 -10.65 7.70 3.70
C ASP A 24 -9.20 8.05 3.43
N GLY A 25 -8.64 7.50 2.37
CA GLY A 25 -7.25 7.76 2.02
C GLY A 25 -6.29 7.13 3.00
N THR A 26 -6.64 5.95 3.49
CA THR A 26 -5.81 5.23 4.43
C THR A 26 -5.81 3.75 4.08
N ILE A 27 -4.74 3.05 4.44
CA ILE A 27 -4.66 1.63 4.15
C ILE A 27 -4.97 0.79 5.38
N THR A 28 -6.09 0.11 5.35
CA THR A 28 -6.50 -0.75 6.44
C THR A 28 -6.60 -2.18 5.93
N THR A 29 -6.98 -3.09 6.80
CA THR A 29 -7.15 -4.49 6.45
C THR A 29 -8.13 -4.66 5.27
N LYS A 30 -9.10 -3.73 5.18
CA LYS A 30 -10.11 -3.77 4.13
C LYS A 30 -9.52 -3.58 2.74
N GLU A 31 -8.63 -2.59 2.58
CA GLU A 31 -8.05 -2.30 1.28
C GLU A 31 -6.88 -3.25 0.98
N LEU A 32 -6.26 -3.73 2.03
CA LEU A 32 -5.12 -4.63 1.91
C LEU A 32 -5.57 -6.01 1.41
N GLY A 33 -6.77 -6.42 1.81
CA GLY A 33 -7.28 -7.72 1.41
C GLY A 33 -8.10 -7.70 0.13
N THR A 34 -8.75 -6.59 -0.15
CA THR A 34 -9.59 -6.48 -1.34
C THR A 34 -8.80 -6.69 -2.64
N VAL A 35 -7.59 -6.13 -2.71
CA VAL A 35 -6.77 -6.27 -3.90
C VAL A 35 -6.32 -7.73 -4.08
N MET A 36 -5.80 -8.34 -3.01
CA MET A 36 -5.35 -9.73 -3.06
C MET A 36 -6.51 -10.65 -3.41
N ARG A 37 -7.69 -10.32 -2.89
CA ARG A 37 -8.90 -11.09 -3.12
C ARG A 37 -9.21 -11.24 -4.61
N SER A 38 -8.87 -10.22 -5.39
CA SER A 38 -9.11 -10.26 -6.83
C SER A 38 -7.80 -10.33 -7.60
N LEU A 39 -6.77 -10.85 -6.96
CA LEU A 39 -5.46 -10.96 -7.58
C LEU A 39 -4.95 -12.40 -7.52
N GLY A 40 -5.01 -12.99 -6.33
CA GLY A 40 -4.54 -14.36 -6.15
C GLY A 40 -5.19 -15.05 -4.97
N GLN A 41 -6.51 -14.85 -4.85
CA GLN A 41 -7.32 -15.42 -3.79
C GLN A 41 -7.02 -14.74 -2.45
N ASN A 42 -8.07 -14.57 -1.66
CA ASN A 42 -7.95 -13.91 -0.36
C ASN A 42 -7.59 -14.92 0.72
N PRO A 43 -6.59 -14.58 1.56
CA PRO A 43 -6.18 -15.43 2.68
C PRO A 43 -7.18 -15.40 3.82
N THR A 44 -6.89 -16.09 4.91
CA THR A 44 -7.80 -16.11 6.05
C THR A 44 -7.67 -14.83 6.87
N GLU A 45 -8.64 -14.58 7.74
CA GLU A 45 -8.64 -13.38 8.58
C GLU A 45 -7.37 -13.30 9.42
N ALA A 46 -6.94 -14.45 9.95
CA ALA A 46 -5.73 -14.51 10.77
C ALA A 46 -4.52 -14.05 9.97
N GLU A 47 -4.43 -14.54 8.74
CA GLU A 47 -3.33 -14.20 7.84
C GLU A 47 -3.35 -12.70 7.51
N LEU A 48 -4.55 -12.15 7.36
CA LEU A 48 -4.70 -10.75 7.03
C LEU A 48 -4.35 -9.89 8.24
N GLN A 49 -4.73 -10.36 9.42
CA GLN A 49 -4.43 -9.66 10.66
C GLN A 49 -2.94 -9.51 10.84
N ASP A 50 -2.22 -10.60 10.61
CA ASP A 50 -0.77 -10.61 10.75
C ASP A 50 -0.12 -9.68 9.72
N MET A 51 -0.70 -9.65 8.53
CA MET A 51 -0.18 -8.83 7.44
C MET A 51 -0.23 -7.34 7.76
N ILE A 52 -1.35 -6.84 8.28
CA ILE A 52 -1.46 -5.43 8.60
C ILE A 52 -0.62 -5.09 9.84
N ASN A 53 -0.41 -6.10 10.68
CA ASN A 53 0.39 -5.95 11.89
C ASN A 53 1.88 -5.90 11.52
N GLU A 54 2.17 -6.44 10.34
CA GLU A 54 3.53 -6.50 9.83
C GLU A 54 3.91 -5.19 9.13
N VAL A 55 2.94 -4.30 8.97
CA VAL A 55 3.18 -3.02 8.32
C VAL A 55 2.91 -1.84 9.27
N ASP A 56 1.77 -1.87 9.94
CA ASP A 56 1.40 -0.80 10.86
C ASP A 56 2.19 -0.94 12.15
N ALA A 57 3.23 -0.12 12.28
CA ALA A 57 4.08 -0.15 13.46
C ALA A 57 3.55 0.77 14.54
N ASP A 58 2.52 1.55 14.23
CA ASP A 58 1.94 2.47 15.19
C ASP A 58 0.97 1.73 16.13
N GLY A 59 0.39 0.65 15.65
CA GLY A 59 -0.49 -0.14 16.49
C GLY A 59 -1.96 0.22 16.39
N ASN A 60 -2.46 0.43 15.17
CA ASN A 60 -3.86 0.75 14.98
C ASN A 60 -4.41 0.12 13.70
N GLY A 61 -3.51 -0.39 12.86
CA GLY A 61 -3.93 -1.03 11.63
C GLY A 61 -4.34 -0.03 10.57
N THR A 62 -3.82 1.17 10.65
CA THR A 62 -4.14 2.22 9.70
C THR A 62 -2.90 3.00 9.30
N ILE A 63 -2.76 3.25 8.00
CA ILE A 63 -1.64 4.01 7.49
C ILE A 63 -2.14 5.26 6.76
N ASP A 64 -1.74 6.42 7.26
CA ASP A 64 -2.12 7.69 6.67
C ASP A 64 -1.05 8.17 5.69
N PHE A 65 -1.20 9.38 5.19
CA PHE A 65 -0.25 9.97 4.25
C PHE A 65 1.17 9.99 4.83
N PRO A 66 1.38 10.57 6.05
CA PRO A 66 2.70 10.62 6.69
C PRO A 66 3.35 9.23 6.80
N GLU A 67 2.53 8.21 7.06
CA GLU A 67 3.04 6.84 7.19
C GLU A 67 3.41 6.28 5.81
N PHE A 68 2.52 6.50 4.86
CA PHE A 68 2.71 6.02 3.49
C PHE A 68 3.98 6.61 2.88
N LEU A 69 4.24 7.88 3.20
CA LEU A 69 5.42 8.58 2.69
C LEU A 69 6.71 7.87 3.09
N THR A 70 6.69 7.21 4.24
CA THR A 70 7.87 6.51 4.72
C THR A 70 7.82 5.02 4.33
N MET A 71 6.62 4.46 4.38
CA MET A 71 6.39 3.06 4.05
C MET A 71 6.80 2.72 2.63
N MET A 72 6.35 3.52 1.67
CA MET A 72 6.65 3.29 0.27
C MET A 72 7.96 3.96 -0.16
N ALA A 73 8.86 4.16 0.79
CA ALA A 73 10.13 4.80 0.50
C ALA A 73 11.29 4.02 1.11
N ARG A 74 11.08 3.47 2.29
CA ARG A 74 12.11 2.73 3.00
C ARG A 74 12.19 1.27 2.53
N LYS A 75 12.53 1.09 1.25
CA LYS A 75 12.65 -0.25 0.67
C LYS A 75 13.91 -0.94 1.18
N MET A 76 13.80 -2.22 1.48
CA MET A 76 14.94 -3.01 1.97
C MET A 76 15.95 -3.21 0.84
N LYS A 77 17.13 -3.70 1.18
CA LYS A 77 18.17 -3.94 0.18
C LYS A 77 17.97 -5.29 -0.49
N ASP A 78 17.18 -6.13 0.13
CA ASP A 78 16.90 -7.46 -0.41
C ASP A 78 15.51 -7.47 -1.03
N THR A 79 15.40 -8.12 -2.16
CA THR A 79 14.12 -8.20 -2.86
C THR A 79 13.58 -9.63 -2.82
N ASP A 80 12.28 -9.75 -2.56
CA ASP A 80 11.64 -11.05 -2.49
C ASP A 80 11.05 -11.43 -3.85
N ARG B 1 7.06 -10.32 3.70
CA ARG B 1 6.86 -9.18 4.62
C ARG B 1 5.82 -8.21 4.05
N ALA B 2 5.11 -7.51 4.93
CA ALA B 2 4.09 -6.55 4.52
C ALA B 2 4.71 -5.47 3.67
N ALA B 3 5.96 -5.15 3.94
CA ALA B 3 6.65 -4.12 3.18
C ALA B 3 6.89 -4.55 1.75
N ASN B 4 6.74 -5.84 1.48
CA ASN B 4 6.85 -6.37 0.12
C ASN B 4 5.45 -6.65 -0.42
N LEU B 5 4.56 -7.15 0.45
CA LEU B 5 3.19 -7.47 0.06
C LEU B 5 2.36 -6.20 -0.12
N TRP B 6 2.92 -5.08 0.29
CA TRP B 6 2.28 -3.78 0.11
C TRP B 6 2.70 -3.25 -1.29
N PRO B 7 4.02 -3.21 -1.58
CA PRO B 7 4.55 -2.83 -2.89
C PRO B 7 3.92 -3.63 -4.03
N SER B 8 3.58 -4.89 -3.77
CA SER B 8 2.96 -5.73 -4.78
C SER B 8 1.64 -5.11 -5.29
N PRO B 9 0.62 -4.87 -4.43
CA PRO B 9 -0.63 -4.20 -4.86
C PRO B 9 -0.34 -2.84 -5.51
N LEU B 10 0.67 -2.15 -5.01
CA LEU B 10 1.05 -0.86 -5.57
C LEU B 10 1.55 -1.04 -7.00
N MET B 11 2.19 -2.16 -7.25
CA MET B 11 2.68 -2.51 -8.58
C MET B 11 1.49 -2.75 -9.49
N ILE B 12 0.43 -3.28 -8.89
CA ILE B 12 -0.81 -3.53 -9.62
C ILE B 12 -1.45 -2.18 -9.93
N LYS B 13 -1.33 -1.25 -8.98
CA LYS B 13 -1.85 0.10 -9.14
C LYS B 13 -1.12 0.78 -10.29
N ARG B 14 0.19 0.59 -10.35
CA ARG B 14 1.01 1.17 -11.42
C ARG B 14 0.54 0.62 -12.76
N SER B 15 0.23 -0.67 -12.78
CA SER B 15 -0.25 -1.32 -13.99
C SER B 15 -1.60 -0.73 -14.40
N LYS B 16 -2.44 -0.45 -13.42
CA LYS B 16 -3.75 0.13 -13.68
C LYS B 16 -3.60 1.57 -14.16
N LYS B 17 -2.59 2.25 -13.63
CA LYS B 17 -2.31 3.64 -14.00
C LYS B 17 -1.86 3.69 -15.46
N ASN B 18 -1.25 2.60 -15.90
CA ASN B 18 -0.78 2.46 -17.26
C ASN B 18 -1.92 1.97 -18.15
N SER B 19 -2.74 1.10 -17.62
CA SER B 19 -3.88 0.56 -18.34
C SER B 19 -5.14 1.39 -18.06
CA CA C . -10.78 2.85 2.85
CA CA D . -0.35 3.23 11.11
N ALA A 1 15.33 24.56 -9.30
CA ALA A 1 15.32 24.07 -7.92
C ALA A 1 14.11 23.17 -7.69
N ASP A 2 14.06 22.51 -6.53
CA ASP A 2 12.95 21.62 -6.22
C ASP A 2 11.74 22.39 -5.72
N GLN A 3 10.92 22.84 -6.65
CA GLN A 3 9.70 23.55 -6.32
C GLN A 3 8.54 22.93 -7.08
N LEU A 4 8.46 23.26 -8.36
CA LEU A 4 7.41 22.72 -9.22
C LEU A 4 7.86 21.45 -9.90
N THR A 5 8.36 20.52 -9.11
CA THR A 5 8.81 19.25 -9.64
C THR A 5 7.63 18.42 -10.10
N GLU A 6 6.84 17.91 -9.14
CA GLU A 6 5.66 17.07 -9.44
C GLU A 6 5.96 16.07 -10.55
N GLU A 7 6.84 15.11 -10.26
CA GLU A 7 7.22 14.11 -11.26
C GLU A 7 6.91 12.70 -10.79
N GLN A 8 7.41 12.34 -9.62
CA GLN A 8 7.20 11.02 -9.07
C GLN A 8 5.93 10.97 -8.24
N ILE A 9 5.56 12.11 -7.66
CA ILE A 9 4.35 12.25 -6.83
C ILE A 9 3.09 11.83 -7.59
N ALA A 10 3.18 11.85 -8.92
CA ALA A 10 2.07 11.47 -9.78
C ALA A 10 1.57 10.06 -9.50
N GLU A 11 2.47 9.16 -9.14
CA GLU A 11 2.11 7.78 -8.86
C GLU A 11 1.67 7.62 -7.40
N PHE A 12 2.08 8.54 -6.54
CA PHE A 12 1.74 8.48 -5.12
C PHE A 12 0.26 8.80 -4.89
N LYS A 13 -0.23 9.82 -5.60
CA LYS A 13 -1.63 10.23 -5.48
C LYS A 13 -2.54 9.16 -6.06
N GLU A 14 -1.96 8.31 -6.91
CA GLU A 14 -2.70 7.24 -7.56
C GLU A 14 -3.09 6.18 -6.54
N ALA A 15 -2.27 6.02 -5.51
CA ALA A 15 -2.55 5.04 -4.47
C ALA A 15 -3.87 5.37 -3.77
N PHE A 16 -4.05 6.64 -3.42
CA PHE A 16 -5.29 7.08 -2.75
C PHE A 16 -6.39 7.36 -3.77
N SER A 17 -6.34 6.67 -4.89
CA SER A 17 -7.32 6.84 -5.94
C SER A 17 -7.74 5.48 -6.50
N LEU A 18 -6.79 4.56 -6.63
CA LEU A 18 -7.09 3.24 -7.15
C LEU A 18 -7.02 2.16 -6.06
N PHE A 19 -6.05 2.28 -5.15
CA PHE A 19 -5.87 1.30 -4.07
C PHE A 19 -7.05 1.33 -3.12
N ASP A 20 -7.47 2.54 -2.78
CA ASP A 20 -8.61 2.71 -1.89
C ASP A 20 -9.87 2.85 -2.72
N LYS A 21 -10.97 2.32 -2.22
CA LYS A 21 -12.23 2.36 -2.96
C LYS A 21 -13.31 3.13 -2.19
N ASP A 22 -12.99 3.57 -0.99
CA ASP A 22 -13.95 4.28 -0.16
C ASP A 22 -13.82 5.78 -0.36
N GLY A 23 -12.58 6.25 -0.43
CA GLY A 23 -12.32 7.65 -0.62
C GLY A 23 -11.52 8.22 0.54
N ASP A 24 -11.19 7.36 1.51
CA ASP A 24 -10.43 7.77 2.68
C ASP A 24 -8.94 7.97 2.34
N GLY A 25 -8.38 7.00 1.62
CA GLY A 25 -6.98 7.08 1.24
C GLY A 25 -6.05 6.56 2.33
N THR A 26 -6.58 5.68 3.17
CA THR A 26 -5.80 5.12 4.25
C THR A 26 -5.59 3.62 4.04
N ILE A 27 -4.50 3.08 4.56
CA ILE A 27 -4.23 1.66 4.40
C ILE A 27 -4.75 0.87 5.58
N THR A 28 -5.85 0.17 5.33
CA THR A 28 -6.47 -0.66 6.34
C THR A 28 -6.62 -2.07 5.79
N THR A 29 -6.90 -3.03 6.67
CA THR A 29 -7.06 -4.43 6.27
C THR A 29 -8.06 -4.59 5.12
N LYS A 30 -9.10 -3.75 5.11
CA LYS A 30 -10.13 -3.79 4.10
C LYS A 30 -9.57 -3.52 2.70
N GLU A 31 -8.74 -2.51 2.58
CA GLU A 31 -8.17 -2.13 1.28
C GLU A 31 -7.05 -3.08 0.88
N LEU A 32 -6.44 -3.68 1.88
CA LEU A 32 -5.35 -4.61 1.64
C LEU A 32 -5.89 -5.94 1.14
N GLY A 33 -6.92 -6.44 1.82
CA GLY A 33 -7.52 -7.72 1.46
C GLY A 33 -8.27 -7.70 0.14
N THR A 34 -8.94 -6.59 -0.17
CA THR A 34 -9.70 -6.49 -1.41
C THR A 34 -8.82 -6.66 -2.65
N VAL A 35 -7.58 -6.26 -2.56
CA VAL A 35 -6.67 -6.38 -3.69
C VAL A 35 -6.28 -7.83 -3.89
N MET A 36 -5.78 -8.44 -2.82
CA MET A 36 -5.37 -9.85 -2.84
C MET A 36 -6.53 -10.77 -3.22
N ARG A 37 -7.71 -10.48 -2.70
CA ARG A 37 -8.91 -11.26 -2.98
C ARG A 37 -9.22 -11.27 -4.49
N SER A 38 -9.11 -10.11 -5.11
CA SER A 38 -9.39 -9.98 -6.54
C SER A 38 -8.17 -10.34 -7.40
N LEU A 39 -7.05 -10.61 -6.74
CA LEU A 39 -5.82 -10.96 -7.45
C LEU A 39 -5.59 -12.46 -7.46
N GLY A 40 -5.43 -13.04 -6.28
CA GLY A 40 -5.17 -14.46 -6.19
C GLY A 40 -5.73 -15.07 -4.92
N GLN A 41 -7.06 -15.03 -4.79
CA GLN A 41 -7.76 -15.61 -3.64
C GLN A 41 -7.50 -14.82 -2.35
N ASN A 42 -8.40 -14.97 -1.39
CA ASN A 42 -8.27 -14.27 -0.12
C ASN A 42 -7.84 -15.24 0.98
N PRO A 43 -6.87 -14.85 1.80
CA PRO A 43 -6.40 -15.67 2.92
C PRO A 43 -7.39 -15.65 4.08
N THR A 44 -6.97 -16.15 5.23
CA THR A 44 -7.84 -16.17 6.40
C THR A 44 -7.84 -14.80 7.08
N GLU A 45 -8.78 -14.57 7.98
CA GLU A 45 -8.85 -13.31 8.69
C GLU A 45 -7.62 -13.15 9.56
N ALA A 46 -7.12 -14.27 10.07
CA ALA A 46 -5.94 -14.28 10.92
C ALA A 46 -4.74 -13.78 10.12
N GLU A 47 -4.54 -14.37 8.95
CA GLU A 47 -3.42 -14.00 8.08
C GLU A 47 -3.57 -12.56 7.60
N LEU A 48 -4.81 -12.15 7.40
CA LEU A 48 -5.11 -10.80 6.97
C LEU A 48 -4.65 -9.79 8.02
N GLN A 49 -4.83 -10.15 9.30
CA GLN A 49 -4.43 -9.29 10.40
C GLN A 49 -2.92 -9.37 10.61
N ASP A 50 -2.38 -10.58 10.53
CA ASP A 50 -0.94 -10.79 10.71
C ASP A 50 -0.16 -9.99 9.67
N MET A 51 -0.77 -9.78 8.51
CA MET A 51 -0.14 -9.04 7.44
C MET A 51 -0.03 -7.55 7.81
N ILE A 52 -1.02 -7.02 8.52
CA ILE A 52 -1.00 -5.62 8.94
C ILE A 52 -0.11 -5.47 10.17
N ASN A 53 0.22 -6.60 10.79
CA ASN A 53 1.07 -6.63 11.96
C ASN A 53 2.53 -6.52 11.55
N GLU A 54 2.81 -6.98 10.33
CA GLU A 54 4.16 -6.93 9.79
C GLU A 54 4.34 -5.68 8.95
N VAL A 55 3.73 -4.58 9.37
CA VAL A 55 3.83 -3.36 8.60
C VAL A 55 3.39 -2.12 9.38
N ASP A 56 2.44 -2.29 10.28
CA ASP A 56 1.95 -1.18 11.08
C ASP A 56 2.72 -1.11 12.40
N ALA A 57 3.91 -0.54 12.35
CA ALA A 57 4.79 -0.41 13.52
C ALA A 57 4.12 0.34 14.67
N ASP A 58 3.19 1.25 14.35
CA ASP A 58 2.48 2.02 15.36
C ASP A 58 1.53 1.13 16.17
N GLY A 59 1.27 -0.07 15.65
CA GLY A 59 0.41 -1.02 16.32
C GLY A 59 -1.00 -0.51 16.52
N ASN A 60 -1.60 -0.03 15.45
CA ASN A 60 -2.96 0.49 15.50
C ASN A 60 -3.85 -0.24 14.49
N GLY A 61 -3.22 -0.77 13.44
CA GLY A 61 -3.95 -1.48 12.41
C GLY A 61 -4.29 -0.58 11.24
N THR A 62 -3.66 0.58 11.18
CA THR A 62 -3.92 1.52 10.11
C THR A 62 -2.69 2.40 9.83
N ILE A 63 -2.43 2.63 8.55
CA ILE A 63 -1.33 3.47 8.12
C ILE A 63 -1.89 4.70 7.40
N ASP A 64 -1.62 5.87 7.94
CA ASP A 64 -2.09 7.12 7.35
C ASP A 64 -1.03 7.66 6.39
N PHE A 65 -1.24 8.87 5.88
CA PHE A 65 -0.30 9.50 4.96
C PHE A 65 1.11 9.58 5.56
N PRO A 66 1.28 10.16 6.78
CA PRO A 66 2.58 10.24 7.44
C PRO A 66 3.29 8.89 7.49
N GLU A 67 2.53 7.84 7.82
CA GLU A 67 3.10 6.50 7.90
C GLU A 67 3.45 5.98 6.52
N PHE A 68 2.56 6.21 5.56
CA PHE A 68 2.75 5.77 4.17
C PHE A 68 4.04 6.34 3.58
N LEU A 69 4.32 7.60 3.90
CA LEU A 69 5.52 8.27 3.41
C LEU A 69 6.77 7.58 3.93
N THR A 70 6.69 7.07 5.14
CA THR A 70 7.81 6.38 5.76
C THR A 70 7.90 4.93 5.29
N MET A 71 6.75 4.27 5.20
CA MET A 71 6.69 2.87 4.78
C MET A 71 7.20 2.66 3.36
N MET A 72 6.72 3.45 2.41
CA MET A 72 7.14 3.29 1.03
C MET A 72 8.56 3.75 0.79
N ALA A 73 9.11 4.52 1.74
CA ALA A 73 10.48 5.00 1.62
C ALA A 73 11.43 4.08 2.40
N ARG A 74 10.85 3.21 3.23
CA ARG A 74 11.62 2.28 4.03
C ARG A 74 11.98 1.04 3.21
N LYS A 75 12.81 1.24 2.21
CA LYS A 75 13.24 0.15 1.35
C LYS A 75 14.32 -0.68 2.02
N MET A 76 14.27 -1.98 1.80
CA MET A 76 15.24 -2.89 2.36
C MET A 76 16.25 -3.35 1.32
N LYS A 77 17.40 -3.81 1.78
CA LYS A 77 18.48 -4.28 0.91
C LYS A 77 18.31 -5.77 0.66
N ASP A 78 17.25 -6.32 1.20
CA ASP A 78 16.97 -7.74 1.07
C ASP A 78 16.60 -8.07 -0.36
N THR A 79 16.85 -9.32 -0.74
CA THR A 79 16.53 -9.76 -2.08
C THR A 79 15.06 -10.12 -2.17
N ASP A 80 14.28 -9.21 -2.74
CA ASP A 80 12.84 -9.42 -2.90
C ASP A 80 12.57 -10.34 -4.08
N ARG B 1 6.45 -10.96 4.25
CA ARG B 1 6.56 -9.59 4.80
C ARG B 1 5.58 -8.66 4.09
N ALA B 2 4.92 -7.81 4.87
CA ALA B 2 3.96 -6.86 4.32
C ALA B 2 4.59 -5.85 3.38
N ALA B 3 5.85 -5.51 3.64
CA ALA B 3 6.57 -4.54 2.83
C ALA B 3 6.78 -5.01 1.37
N ASN B 4 6.34 -6.23 1.09
CA ASN B 4 6.40 -6.80 -0.25
C ASN B 4 5.01 -6.95 -0.81
N LEU B 5 4.09 -7.28 0.09
CA LEU B 5 2.69 -7.49 -0.26
C LEU B 5 1.98 -6.15 -0.36
N TRP B 6 2.67 -5.08 0.03
CA TRP B 6 2.17 -3.72 -0.10
C TRP B 6 2.63 -3.20 -1.47
N PRO B 7 3.96 -3.24 -1.77
CA PRO B 7 4.48 -2.89 -3.10
C PRO B 7 3.76 -3.62 -4.23
N SER B 8 3.31 -4.85 -3.97
CA SER B 8 2.59 -5.63 -4.98
C SER B 8 1.31 -4.89 -5.43
N PRO B 9 0.32 -4.62 -4.53
CA PRO B 9 -0.87 -3.84 -4.91
C PRO B 9 -0.51 -2.52 -5.58
N LEU B 10 0.57 -1.90 -5.12
CA LEU B 10 1.03 -0.63 -5.67
C LEU B 10 1.47 -0.83 -7.13
N MET B 11 2.00 -2.01 -7.40
CA MET B 11 2.44 -2.39 -8.73
C MET B 11 1.21 -2.67 -9.60
N ILE B 12 0.25 -3.41 -9.02
CA ILE B 12 -1.00 -3.72 -9.71
C ILE B 12 -1.73 -2.42 -10.02
N LYS B 13 -1.57 -1.47 -9.12
CA LYS B 13 -2.18 -0.16 -9.28
C LYS B 13 -1.60 0.51 -10.51
N ARG B 14 -0.28 0.40 -10.68
CA ARG B 14 0.40 0.97 -11.84
C ARG B 14 -0.17 0.33 -13.10
N SER B 15 -0.39 -0.98 -13.03
CA SER B 15 -0.96 -1.72 -14.15
C SER B 15 -2.38 -1.27 -14.43
N LYS B 16 -3.17 -1.07 -13.37
CA LYS B 16 -4.54 -0.60 -13.53
C LYS B 16 -4.55 0.83 -14.05
N LYS B 17 -3.59 1.63 -13.61
CA LYS B 17 -3.48 3.01 -14.07
C LYS B 17 -3.20 3.01 -15.57
N ASN B 18 -2.51 1.96 -16.01
CA ASN B 18 -2.18 1.79 -17.42
C ASN B 18 -3.37 1.19 -18.16
N SER B 19 -4.13 0.37 -17.46
CA SER B 19 -5.30 -0.28 -18.02
C SER B 19 -6.58 0.46 -17.64
CA CA C . -10.46 3.09 2.47
CA CA D . -0.09 2.67 11.58
N ALA A 1 14.47 26.71 -4.96
CA ALA A 1 15.14 25.39 -5.05
C ALA A 1 14.09 24.30 -5.29
N ASP A 2 14.28 23.14 -4.69
CA ASP A 2 13.34 22.05 -4.88
C ASP A 2 12.17 22.17 -3.92
N GLN A 3 11.04 22.62 -4.45
CA GLN A 3 9.84 22.79 -3.65
C GLN A 3 8.65 22.18 -4.38
N LEU A 4 8.42 22.64 -5.60
CA LEU A 4 7.31 22.12 -6.39
C LEU A 4 7.72 20.86 -7.13
N THR A 5 7.81 19.77 -6.39
CA THR A 5 8.19 18.49 -6.94
C THR A 5 7.02 17.85 -7.70
N GLU A 6 6.15 17.15 -6.96
CA GLU A 6 4.99 16.47 -7.54
C GLU A 6 5.42 15.59 -8.70
N GLU A 7 6.43 14.77 -8.44
CA GLU A 7 6.99 13.87 -9.44
C GLU A 7 6.78 12.42 -9.00
N GLN A 8 7.28 12.09 -7.82
CA GLN A 8 7.16 10.73 -7.28
C GLN A 8 5.91 10.67 -6.40
N ILE A 9 5.63 11.79 -5.73
CA ILE A 9 4.47 11.88 -4.86
C ILE A 9 3.18 11.75 -5.68
N ALA A 10 3.26 12.08 -6.97
CA ALA A 10 2.10 12.00 -7.86
C ALA A 10 1.62 10.56 -8.02
N GLU A 11 2.56 9.62 -8.03
CA GLU A 11 2.21 8.20 -8.17
C GLU A 11 1.77 7.64 -6.81
N PHE A 12 2.26 8.25 -5.74
CA PHE A 12 1.91 7.84 -4.39
C PHE A 12 0.44 8.17 -4.13
N LYS A 13 -0.01 9.26 -4.73
CA LYS A 13 -1.39 9.72 -4.60
C LYS A 13 -2.35 8.77 -5.34
N GLU A 14 -1.81 8.01 -6.27
CA GLU A 14 -2.62 7.05 -7.04
C GLU A 14 -3.10 5.94 -6.09
N ALA A 15 -2.37 5.74 -5.01
CA ALA A 15 -2.73 4.73 -4.05
C ALA A 15 -4.00 5.14 -3.32
N PHE A 16 -4.13 6.44 -3.03
CA PHE A 16 -5.30 6.94 -2.34
C PHE A 16 -6.42 7.25 -3.32
N SER A 17 -6.28 6.76 -4.54
CA SER A 17 -7.28 7.02 -5.57
C SER A 17 -7.73 5.71 -6.23
N LEU A 18 -6.79 4.79 -6.39
CA LEU A 18 -7.09 3.50 -7.01
C LEU A 18 -7.31 2.41 -5.98
N PHE A 19 -6.68 2.53 -4.81
CA PHE A 19 -6.83 1.51 -3.78
C PHE A 19 -8.12 1.72 -3.02
N ASP A 20 -8.25 2.90 -2.45
CA ASP A 20 -9.42 3.26 -1.68
C ASP A 20 -10.55 3.72 -2.59
N LYS A 21 -11.77 3.34 -2.22
CA LYS A 21 -12.95 3.73 -2.98
C LYS A 21 -13.98 4.33 -2.04
N ASP A 22 -13.57 4.52 -0.79
CA ASP A 22 -14.47 5.07 0.23
C ASP A 22 -14.31 6.56 0.37
N GLY A 23 -13.14 7.07 0.03
CA GLY A 23 -12.89 8.48 0.16
C GLY A 23 -12.21 8.78 1.47
N ASP A 24 -11.55 7.77 2.04
CA ASP A 24 -10.84 7.93 3.29
C ASP A 24 -9.37 8.19 3.00
N GLY A 25 -8.85 7.61 1.92
CA GLY A 25 -7.46 7.82 1.55
C GLY A 25 -6.48 7.20 2.54
N THR A 26 -6.92 6.14 3.20
CA THR A 26 -6.10 5.47 4.19
C THR A 26 -6.09 3.96 3.97
N ILE A 27 -4.90 3.36 3.89
CA ILE A 27 -4.80 1.91 3.67
C ILE A 27 -5.15 1.13 4.94
N THR A 28 -6.27 0.43 4.87
CA THR A 28 -6.73 -0.40 5.97
C THR A 28 -6.77 -1.85 5.51
N THR A 29 -7.13 -2.76 6.41
CA THR A 29 -7.24 -4.17 6.05
C THR A 29 -8.23 -4.37 4.93
N LYS A 30 -9.22 -3.48 4.83
CA LYS A 30 -10.24 -3.57 3.81
C LYS A 30 -9.67 -3.37 2.40
N GLU A 31 -8.81 -2.36 2.23
CA GLU A 31 -8.23 -2.07 0.91
C GLU A 31 -7.09 -3.04 0.59
N LEU A 32 -6.52 -3.63 1.63
CA LEU A 32 -5.41 -4.56 1.44
C LEU A 32 -5.93 -5.96 1.11
N GLY A 33 -7.03 -6.35 1.76
CA GLY A 33 -7.59 -7.67 1.53
C GLY A 33 -8.35 -7.80 0.23
N THR A 34 -8.99 -6.70 -0.20
CA THR A 34 -9.78 -6.71 -1.43
C THR A 34 -8.94 -7.05 -2.65
N VAL A 35 -7.77 -6.45 -2.76
CA VAL A 35 -6.91 -6.69 -3.90
C VAL A 35 -6.41 -8.14 -3.92
N MET A 36 -5.92 -8.61 -2.77
CA MET A 36 -5.44 -9.97 -2.64
C MET A 36 -6.51 -10.99 -3.01
N ARG A 37 -7.72 -10.78 -2.48
CA ARG A 37 -8.86 -11.66 -2.74
C ARG A 37 -9.16 -11.75 -4.24
N SER A 38 -8.85 -10.68 -4.96
CA SER A 38 -9.10 -10.62 -6.39
C SER A 38 -7.82 -10.92 -7.19
N LEU A 39 -6.75 -11.26 -6.47
CA LEU A 39 -5.47 -11.54 -7.11
C LEU A 39 -5.07 -13.00 -6.93
N GLY A 40 -5.42 -13.60 -5.79
CA GLY A 40 -5.08 -14.99 -5.55
C GLY A 40 -5.77 -15.56 -4.35
N GLN A 41 -7.10 -15.43 -4.32
CA GLN A 41 -7.94 -15.94 -3.23
C GLN A 41 -7.79 -15.11 -1.95
N ASN A 42 -8.57 -15.46 -0.95
CA ASN A 42 -8.56 -14.78 0.32
C ASN A 42 -8.11 -15.72 1.41
N PRO A 43 -7.05 -15.36 2.15
CA PRO A 43 -6.54 -16.20 3.23
C PRO A 43 -7.42 -16.09 4.47
N THR A 44 -6.92 -16.52 5.62
CA THR A 44 -7.70 -16.43 6.83
C THR A 44 -7.58 -15.04 7.43
N GLU A 45 -8.55 -14.68 8.26
CA GLU A 45 -8.56 -13.39 8.91
C GLU A 45 -7.28 -13.18 9.72
N ALA A 46 -6.78 -14.27 10.31
CA ALA A 46 -5.54 -14.21 11.08
C ALA A 46 -4.39 -13.77 10.20
N GLU A 47 -4.30 -14.37 9.02
CA GLU A 47 -3.26 -14.05 8.06
C GLU A 47 -3.40 -12.62 7.58
N LEU A 48 -4.64 -12.21 7.34
CA LEU A 48 -4.92 -10.86 6.88
C LEU A 48 -4.54 -9.84 7.95
N GLN A 49 -4.89 -10.15 9.20
CA GLN A 49 -4.57 -9.27 10.30
C GLN A 49 -3.07 -9.19 10.52
N ASP A 50 -2.41 -10.35 10.53
CA ASP A 50 -0.95 -10.40 10.73
C ASP A 50 -0.23 -9.56 9.69
N MET A 51 -0.78 -9.54 8.48
CA MET A 51 -0.20 -8.78 7.38
C MET A 51 -0.29 -7.28 7.64
N ILE A 52 -1.44 -6.79 8.08
CA ILE A 52 -1.61 -5.37 8.35
C ILE A 52 -0.78 -4.96 9.58
N ASN A 53 -0.48 -5.93 10.43
CA ASN A 53 0.32 -5.70 11.62
C ASN A 53 1.79 -5.64 11.23
N GLU A 54 2.10 -6.31 10.12
CA GLU A 54 3.45 -6.37 9.60
C GLU A 54 3.81 -5.06 8.89
N VAL A 55 2.82 -4.20 8.70
CA VAL A 55 3.03 -2.92 8.03
C VAL A 55 2.69 -1.75 8.95
N ASP A 56 1.52 -1.78 9.57
CA ASP A 56 1.09 -0.69 10.43
C ASP A 56 1.75 -0.79 11.80
N ALA A 57 2.75 0.05 12.03
CA ALA A 57 3.50 0.05 13.28
C ALA A 57 2.76 0.74 14.41
N ASP A 58 1.87 1.66 14.06
CA ASP A 58 1.11 2.40 15.05
C ASP A 58 0.19 1.49 15.85
N GLY A 59 -0.42 0.52 15.19
CA GLY A 59 -1.28 -0.42 15.89
C GLY A 59 -2.76 -0.13 15.72
N ASN A 60 -3.12 0.42 14.57
CA ASN A 60 -4.52 0.73 14.28
C ASN A 60 -4.94 0.14 12.94
N GLY A 61 -3.98 -0.43 12.22
CA GLY A 61 -4.27 -1.04 10.94
C GLY A 61 -4.70 -0.03 9.91
N THR A 62 -4.12 1.16 9.98
CA THR A 62 -4.44 2.22 9.04
C THR A 62 -3.19 3.02 8.71
N ILE A 63 -2.96 3.25 7.42
CA ILE A 63 -1.79 4.00 6.99
C ILE A 63 -2.19 5.34 6.35
N ASP A 64 -1.69 6.43 6.94
CA ASP A 64 -1.97 7.79 6.47
C ASP A 64 -0.89 8.24 5.47
N PHE A 65 -1.01 9.49 5.02
CA PHE A 65 -0.06 10.05 4.06
C PHE A 65 1.40 9.90 4.53
N PRO A 66 1.76 10.38 5.75
CA PRO A 66 3.13 10.26 6.27
C PRO A 66 3.63 8.82 6.38
N GLU A 67 2.72 7.89 6.67
CA GLU A 67 3.07 6.49 6.83
C GLU A 67 3.44 5.88 5.48
N PHE A 68 2.65 6.22 4.46
CA PHE A 68 2.88 5.71 3.12
C PHE A 68 4.20 6.26 2.55
N LEU A 69 4.42 7.56 2.74
CA LEU A 69 5.63 8.22 2.24
C LEU A 69 6.90 7.59 2.84
N THR A 70 6.79 7.07 4.05
CA THR A 70 7.93 6.45 4.71
C THR A 70 8.15 5.01 4.25
N MET A 71 7.08 4.24 4.16
CA MET A 71 7.16 2.83 3.78
C MET A 71 7.59 2.65 2.31
N MET A 72 6.95 3.36 1.40
CA MET A 72 7.26 3.22 -0.03
C MET A 72 8.58 3.91 -0.41
N ALA A 73 9.28 4.44 0.56
CA ALA A 73 10.56 5.07 0.29
C ALA A 73 11.68 4.31 0.97
N ARG A 74 11.29 3.40 1.85
CA ARG A 74 12.25 2.57 2.58
C ARG A 74 12.64 1.35 1.75
N LYS A 75 13.17 1.60 0.56
CA LYS A 75 13.59 0.54 -0.34
C LYS A 75 14.92 -0.07 0.09
N MET A 76 14.98 -1.38 0.11
CA MET A 76 16.20 -2.10 0.48
C MET A 76 17.04 -2.33 -0.77
N LYS A 77 18.13 -3.05 -0.59
CA LYS A 77 19.01 -3.38 -1.69
C LYS A 77 18.73 -4.81 -2.13
N ASP A 78 17.84 -5.46 -1.37
CA ASP A 78 17.44 -6.83 -1.62
C ASP A 78 16.63 -6.92 -2.90
N THR A 79 16.80 -8.03 -3.61
CA THR A 79 16.08 -8.24 -4.86
C THR A 79 15.15 -9.44 -4.74
N ASP A 80 13.85 -9.18 -4.62
CA ASP A 80 12.87 -10.23 -4.52
C ASP A 80 12.11 -10.39 -5.82
N ARG B 1 7.20 -10.15 4.69
CA ARG B 1 6.92 -8.82 5.27
C ARG B 1 5.85 -8.11 4.46
N ALA B 2 5.16 -7.17 5.09
CA ALA B 2 4.10 -6.43 4.42
C ALA B 2 4.67 -5.46 3.40
N ALA B 3 5.91 -5.06 3.63
CA ALA B 3 6.59 -4.11 2.76
C ALA B 3 6.91 -4.67 1.38
N ASN B 4 6.53 -5.93 1.18
CA ASN B 4 6.68 -6.61 -0.12
C ASN B 4 5.30 -6.94 -0.68
N LEU B 5 4.42 -7.28 0.26
CA LEU B 5 3.05 -7.65 -0.02
C LEU B 5 2.18 -6.43 -0.24
N TRP B 6 2.80 -5.27 -0.08
CA TRP B 6 2.19 -3.97 -0.35
C TRP B 6 2.68 -3.50 -1.71
N PRO B 7 4.04 -3.49 -1.93
CA PRO B 7 4.63 -3.14 -3.23
C PRO B 7 3.99 -3.94 -4.36
N SER B 8 3.68 -5.21 -4.10
CA SER B 8 3.02 -6.04 -5.09
C SER B 8 1.66 -5.42 -5.44
N PRO B 9 0.70 -5.32 -4.47
CA PRO B 9 -0.58 -4.64 -4.69
C PRO B 9 -0.41 -3.26 -5.36
N LEU B 10 0.65 -2.54 -4.99
CA LEU B 10 0.91 -1.23 -5.56
C LEU B 10 1.34 -1.34 -7.02
N MET B 11 2.11 -2.38 -7.32
CA MET B 11 2.57 -2.65 -8.67
C MET B 11 1.36 -2.99 -9.54
N ILE B 12 0.41 -3.67 -8.93
CA ILE B 12 -0.85 -4.03 -9.56
C ILE B 12 -1.63 -2.74 -9.83
N LYS B 13 -1.53 -1.81 -8.89
CA LYS B 13 -2.19 -0.51 -9.03
C LYS B 13 -1.54 0.22 -10.19
N ARG B 14 -0.23 0.12 -10.28
CA ARG B 14 0.51 0.74 -11.36
C ARG B 14 0.05 0.16 -12.68
N SER B 15 -0.19 -1.15 -12.69
CA SER B 15 -0.67 -1.85 -13.86
C SER B 15 -2.05 -1.34 -14.26
N LYS B 16 -2.93 -1.19 -13.28
CA LYS B 16 -4.27 -0.70 -13.53
C LYS B 16 -4.22 0.78 -13.93
N LYS B 17 -3.23 1.49 -13.43
CA LYS B 17 -3.03 2.88 -13.77
C LYS B 17 -2.60 2.96 -15.23
N ASN B 18 -1.90 1.93 -15.67
CA ASN B 18 -1.44 1.80 -17.03
C ASN B 18 -2.61 1.37 -17.91
N SER B 19 -3.42 0.46 -17.38
CA SER B 19 -4.61 -0.04 -18.07
C SER B 19 -5.87 0.69 -17.61
CA CA C . -11.21 3.07 2.33
CA CA D . -0.81 3.35 10.79
N ALA A 1 13.62 26.58 -5.83
CA ALA A 1 13.97 25.45 -4.92
C ALA A 1 12.94 24.34 -5.07
N ASP A 2 13.16 23.23 -4.39
CA ASP A 2 12.25 22.10 -4.47
C ASP A 2 11.01 22.31 -3.62
N GLN A 3 10.17 23.23 -4.04
CA GLN A 3 8.94 23.54 -3.33
C GLN A 3 7.77 22.89 -4.03
N LEU A 4 7.64 23.19 -5.32
CA LEU A 4 6.56 22.63 -6.12
C LEU A 4 7.05 21.43 -6.91
N THR A 5 7.19 20.31 -6.21
CA THR A 5 7.65 19.07 -6.82
C THR A 5 6.55 18.44 -7.66
N GLU A 6 5.66 17.70 -6.99
CA GLU A 6 4.52 17.03 -7.63
C GLU A 6 4.98 16.25 -8.86
N GLU A 7 6.03 15.46 -8.69
CA GLU A 7 6.56 14.66 -9.79
C GLU A 7 6.37 13.18 -9.48
N GLN A 8 6.87 12.76 -8.32
CA GLN A 8 6.76 11.37 -7.90
C GLN A 8 5.55 11.22 -6.99
N ILE A 9 5.27 12.28 -6.23
CA ILE A 9 4.13 12.30 -5.31
C ILE A 9 2.82 12.03 -6.05
N ALA A 10 2.80 12.38 -7.33
CA ALA A 10 1.61 12.18 -8.15
C ALA A 10 1.27 10.70 -8.28
N GLU A 11 2.31 9.87 -8.27
CA GLU A 11 2.13 8.44 -8.38
C GLU A 11 1.76 7.83 -7.03
N PHE A 12 2.21 8.49 -5.97
CA PHE A 12 1.91 8.03 -4.61
C PHE A 12 0.45 8.32 -4.29
N LYS A 13 -0.05 9.44 -4.79
CA LYS A 13 -1.44 9.81 -4.58
C LYS A 13 -2.37 8.85 -5.32
N GLU A 14 -1.84 8.27 -6.38
CA GLU A 14 -2.61 7.31 -7.18
C GLU A 14 -3.00 6.12 -6.32
N ALA A 15 -2.14 5.77 -5.38
CA ALA A 15 -2.40 4.66 -4.48
C ALA A 15 -3.63 4.95 -3.64
N PHE A 16 -3.74 6.18 -3.17
CA PHE A 16 -4.87 6.59 -2.35
C PHE A 16 -6.12 6.82 -3.19
N SER A 17 -6.01 6.57 -4.48
CA SER A 17 -7.12 6.76 -5.39
C SER A 17 -7.55 5.44 -6.04
N LEU A 18 -6.59 4.59 -6.35
CA LEU A 18 -6.89 3.32 -6.99
C LEU A 18 -6.99 2.18 -5.99
N PHE A 19 -6.42 2.35 -4.81
CA PHE A 19 -6.46 1.31 -3.78
C PHE A 19 -7.75 1.43 -2.98
N ASP A 20 -7.97 2.62 -2.44
CA ASP A 20 -9.15 2.89 -1.63
C ASP A 20 -10.37 3.22 -2.50
N LYS A 21 -11.54 2.74 -2.06
CA LYS A 21 -12.79 2.98 -2.78
C LYS A 21 -13.84 3.56 -1.84
N ASP A 22 -13.55 3.56 -0.54
CA ASP A 22 -14.50 4.06 0.45
C ASP A 22 -14.46 5.58 0.49
N GLY A 23 -13.26 6.13 0.41
CA GLY A 23 -13.09 7.56 0.46
C GLY A 23 -12.30 7.97 1.69
N ASP A 24 -11.89 6.98 2.47
CA ASP A 24 -11.12 7.25 3.69
C ASP A 24 -9.70 7.69 3.31
N GLY A 25 -9.16 7.10 2.24
CA GLY A 25 -7.82 7.45 1.79
C GLY A 25 -6.75 6.94 2.72
N THR A 26 -6.97 5.76 3.29
CA THR A 26 -6.03 5.15 4.20
C THR A 26 -5.95 3.65 3.94
N ILE A 27 -4.76 3.09 4.11
CA ILE A 27 -4.58 1.67 3.89
C ILE A 27 -4.88 0.87 5.16
N THR A 28 -5.97 0.12 5.13
CA THR A 28 -6.36 -0.70 6.25
C THR A 28 -6.48 -2.15 5.78
N THR A 29 -6.88 -3.03 6.69
CA THR A 29 -7.07 -4.44 6.37
C THR A 29 -8.07 -4.65 5.22
N LYS A 30 -9.05 -3.77 5.11
CA LYS A 30 -10.08 -3.88 4.07
C LYS A 30 -9.52 -3.74 2.65
N GLU A 31 -8.70 -2.73 2.42
CA GLU A 31 -8.15 -2.47 1.09
C GLU A 31 -6.98 -3.40 0.79
N LEU A 32 -6.38 -3.89 1.85
CA LEU A 32 -5.24 -4.78 1.75
C LEU A 32 -5.68 -6.18 1.30
N GLY A 33 -6.85 -6.61 1.76
CA GLY A 33 -7.35 -7.93 1.41
C GLY A 33 -8.17 -7.92 0.12
N THR A 34 -8.82 -6.80 -0.18
CA THR A 34 -9.65 -6.71 -1.37
C THR A 34 -8.84 -6.94 -2.64
N VAL A 35 -7.64 -6.38 -2.69
CA VAL A 35 -6.78 -6.52 -3.85
C VAL A 35 -6.29 -7.96 -3.97
N MET A 36 -5.79 -8.52 -2.88
CA MET A 36 -5.30 -9.90 -2.87
C MET A 36 -6.39 -10.89 -3.25
N ARG A 37 -7.59 -10.68 -2.72
CA ARG A 37 -8.73 -11.54 -3.01
C ARG A 37 -9.04 -11.53 -4.50
N SER A 38 -8.84 -10.39 -5.14
CA SER A 38 -9.12 -10.26 -6.56
C SER A 38 -7.88 -10.57 -7.40
N LEU A 39 -6.78 -10.91 -6.74
CA LEU A 39 -5.54 -11.22 -7.42
C LEU A 39 -5.29 -12.72 -7.45
N GLY A 40 -5.23 -13.32 -6.28
CA GLY A 40 -4.99 -14.75 -6.19
C GLY A 40 -5.61 -15.35 -4.95
N GLN A 41 -6.87 -14.97 -4.70
CA GLN A 41 -7.63 -15.45 -3.55
C GLN A 41 -7.10 -14.84 -2.24
N ASN A 42 -7.96 -14.77 -1.24
CA ASN A 42 -7.58 -14.19 0.03
C ASN A 42 -7.40 -15.28 1.09
N PRO A 43 -6.36 -15.17 1.91
CA PRO A 43 -6.10 -16.12 2.99
C PRO A 43 -7.12 -15.97 4.13
N THR A 44 -6.82 -16.55 5.29
CA THR A 44 -7.73 -16.45 6.42
C THR A 44 -7.65 -15.07 7.05
N GLU A 45 -8.64 -14.74 7.86
CA GLU A 45 -8.69 -13.44 8.52
C GLU A 45 -7.51 -13.28 9.47
N ALA A 46 -7.03 -14.39 10.03
CA ALA A 46 -5.90 -14.37 10.95
C ALA A 46 -4.65 -13.87 10.24
N GLU A 47 -4.45 -14.35 9.02
CA GLU A 47 -3.29 -13.94 8.22
C GLU A 47 -3.47 -12.50 7.75
N LEU A 48 -4.70 -12.13 7.44
CA LEU A 48 -5.03 -10.80 6.98
C LEU A 48 -4.75 -9.78 8.09
N GLN A 49 -5.18 -10.09 9.30
CA GLN A 49 -4.97 -9.19 10.44
C GLN A 49 -3.50 -9.12 10.80
N ASP A 50 -2.78 -10.21 10.60
CA ASP A 50 -1.37 -10.27 10.92
C ASP A 50 -0.58 -9.41 9.93
N MET A 51 -0.99 -9.44 8.67
CA MET A 51 -0.34 -8.68 7.62
C MET A 51 -0.31 -7.18 7.92
N ILE A 52 -1.44 -6.62 8.35
CA ILE A 52 -1.49 -5.19 8.67
C ILE A 52 -0.67 -4.86 9.93
N ASN A 53 -0.44 -5.87 10.77
CA ASN A 53 0.34 -5.69 11.99
C ASN A 53 1.83 -5.64 11.65
N GLU A 54 2.18 -6.23 10.50
CA GLU A 54 3.56 -6.27 10.05
C GLU A 54 3.94 -4.96 9.37
N VAL A 55 2.94 -4.20 8.95
CA VAL A 55 3.18 -2.94 8.27
C VAL A 55 2.92 -1.73 9.18
N ASP A 56 1.79 -1.72 9.88
CA ASP A 56 1.47 -0.60 10.75
C ASP A 56 2.13 -0.77 12.12
N ALA A 57 3.16 0.02 12.34
CA ALA A 57 3.91 -0.04 13.59
C ALA A 57 3.29 0.81 14.68
N ASP A 58 2.47 1.79 14.29
CA ASP A 58 1.82 2.66 15.27
C ASP A 58 0.82 1.87 16.10
N GLY A 59 0.27 0.82 15.51
CA GLY A 59 -0.65 -0.04 16.24
C GLY A 59 -2.10 0.37 16.10
N ASN A 60 -2.47 0.89 14.95
CA ASN A 60 -3.85 1.31 14.73
C ASN A 60 -4.37 0.72 13.41
N GLY A 61 -3.48 0.06 12.67
CA GLY A 61 -3.85 -0.57 11.41
C GLY A 61 -4.23 0.43 10.34
N THR A 62 -3.89 1.69 10.58
CA THR A 62 -4.20 2.75 9.64
C THR A 62 -2.92 3.42 9.15
N ILE A 63 -2.80 3.56 7.85
CA ILE A 63 -1.63 4.20 7.24
C ILE A 63 -2.07 5.40 6.40
N ASP A 64 -1.55 6.56 6.80
CA ASP A 64 -1.83 7.82 6.10
C ASP A 64 -0.68 8.16 5.16
N PHE A 65 -0.73 9.37 4.57
CA PHE A 65 0.30 9.83 3.64
C PHE A 65 1.70 9.76 4.27
N PRO A 66 1.91 10.38 5.45
CA PRO A 66 3.23 10.35 6.12
C PRO A 66 3.79 8.94 6.29
N GLU A 67 2.91 8.02 6.67
CA GLU A 67 3.32 6.63 6.86
C GLU A 67 3.67 5.99 5.53
N PHE A 68 2.79 6.17 4.56
CA PHE A 68 2.96 5.60 3.21
C PHE A 68 4.25 6.08 2.56
N LEU A 69 4.50 7.38 2.62
CA LEU A 69 5.69 7.98 2.03
C LEU A 69 6.97 7.39 2.62
N THR A 70 6.89 6.92 3.85
CA THR A 70 8.05 6.33 4.51
C THR A 70 8.09 4.81 4.32
N MET A 71 6.91 4.19 4.31
CA MET A 71 6.78 2.75 4.16
C MET A 71 7.30 2.30 2.80
N MET A 72 6.87 2.99 1.74
CA MET A 72 7.29 2.65 0.38
C MET A 72 8.75 3.05 0.13
N ALA A 73 9.41 3.56 1.16
CA ALA A 73 10.79 3.96 1.05
C ALA A 73 11.65 3.17 2.04
N ARG A 74 11.06 2.13 2.61
CA ARG A 74 11.75 1.29 3.58
C ARG A 74 11.96 -0.12 3.03
N LYS A 75 12.91 -0.25 2.13
CA LYS A 75 13.21 -1.53 1.52
C LYS A 75 14.59 -2.01 1.95
N MET A 76 14.62 -3.16 2.60
CA MET A 76 15.87 -3.76 3.06
C MET A 76 16.78 -4.05 1.87
N LYS A 77 18.07 -4.16 2.12
CA LYS A 77 19.04 -4.40 1.05
C LYS A 77 19.02 -5.88 0.64
N ASP A 78 17.90 -6.29 0.05
CA ASP A 78 17.71 -7.66 -0.39
C ASP A 78 17.16 -7.69 -1.79
N THR A 79 17.59 -8.66 -2.56
CA THR A 79 17.15 -8.79 -3.93
C THR A 79 15.72 -9.33 -3.96
N ASP A 80 14.77 -8.46 -4.27
CA ASP A 80 13.38 -8.85 -4.33
C ASP A 80 12.94 -9.05 -5.78
N ARG B 1 6.52 -10.79 4.34
CA ARG B 1 6.47 -9.54 5.13
C ARG B 1 5.58 -8.52 4.41
N ALA B 2 4.88 -7.68 5.19
CA ALA B 2 3.98 -6.67 4.64
C ALA B 2 4.69 -5.70 3.71
N ALA B 3 5.96 -5.44 3.95
CA ALA B 3 6.70 -4.51 3.13
C ALA B 3 6.87 -5.07 1.74
N ASN B 4 6.65 -6.38 1.54
CA ASN B 4 6.69 -6.96 0.18
C ASN B 4 5.26 -7.10 -0.40
N LEU B 5 4.33 -7.51 0.46
CA LEU B 5 2.92 -7.72 0.08
C LEU B 5 2.19 -6.39 -0.07
N TRP B 6 2.83 -5.31 0.33
CA TRP B 6 2.29 -3.97 0.14
C TRP B 6 2.75 -3.47 -1.24
N PRO B 7 4.09 -3.47 -1.49
CA PRO B 7 4.66 -3.12 -2.80
C PRO B 7 3.99 -3.83 -3.97
N SER B 8 3.59 -5.08 -3.76
CA SER B 8 2.92 -5.86 -4.81
C SER B 8 1.61 -5.17 -5.26
N PRO B 9 0.60 -4.99 -4.38
CA PRO B 9 -0.64 -4.27 -4.75
C PRO B 9 -0.35 -2.93 -5.39
N LEU B 10 0.69 -2.25 -4.92
CA LEU B 10 1.08 -0.97 -5.48
C LEU B 10 1.57 -1.15 -6.91
N MET B 11 2.30 -2.23 -7.14
CA MET B 11 2.80 -2.55 -8.46
C MET B 11 1.61 -2.79 -9.39
N ILE B 12 0.58 -3.43 -8.82
CA ILE B 12 -0.66 -3.69 -9.56
C ILE B 12 -1.30 -2.36 -9.90
N LYS B 13 -1.24 -1.41 -8.97
CA LYS B 13 -1.77 -0.08 -9.18
C LYS B 13 -1.03 0.60 -10.34
N ARG B 14 0.28 0.45 -10.32
CA ARG B 14 1.13 1.03 -11.37
C ARG B 14 0.78 0.40 -12.72
N SER B 15 0.50 -0.89 -12.69
CA SER B 15 0.14 -1.62 -13.90
C SER B 15 -1.22 -1.14 -14.39
N LYS B 16 -2.09 -0.79 -13.46
CA LYS B 16 -3.41 -0.30 -13.80
C LYS B 16 -3.30 1.15 -14.26
N LYS B 17 -2.31 1.86 -13.73
CA LYS B 17 -2.07 3.25 -14.10
C LYS B 17 -1.54 3.28 -15.52
N ASN B 18 -0.77 2.25 -15.87
CA ASN B 18 -0.24 2.13 -17.20
C ASN B 18 -1.34 1.63 -18.13
N SER B 19 -2.13 0.68 -17.62
CA SER B 19 -3.28 0.13 -18.35
C SER B 19 -4.58 0.87 -17.99
CA CA C . -10.79 2.56 2.65
CA CA D . -0.46 3.63 10.98
N ALA A 1 12.84 23.63 -9.65
CA ALA A 1 13.96 23.34 -8.74
C ALA A 1 13.62 22.11 -7.89
N ASP A 2 14.31 21.97 -6.76
CA ASP A 2 14.08 20.83 -5.87
C ASP A 2 12.82 21.00 -5.02
N GLN A 3 12.24 22.18 -5.01
CA GLN A 3 11.03 22.42 -4.21
C GLN A 3 9.80 21.86 -4.91
N LEU A 4 9.52 22.35 -6.11
CA LEU A 4 8.37 21.89 -6.86
C LEU A 4 8.74 20.65 -7.67
N THR A 5 8.77 19.52 -6.99
CA THR A 5 9.11 18.25 -7.61
C THR A 5 7.88 17.58 -8.20
N GLU A 6 7.02 17.07 -7.31
CA GLU A 6 5.78 16.42 -7.72
C GLU A 6 6.04 15.33 -8.76
N GLU A 7 6.90 14.39 -8.42
CA GLU A 7 7.21 13.30 -9.34
C GLU A 7 6.69 11.98 -8.76
N GLN A 8 7.56 11.26 -8.06
CA GLN A 8 7.16 9.99 -7.43
C GLN A 8 6.03 10.23 -6.43
N ILE A 9 6.03 11.42 -5.82
CA ILE A 9 4.98 11.78 -4.84
C ILE A 9 3.60 11.74 -5.49
N ALA A 10 3.53 12.12 -6.75
CA ALA A 10 2.25 12.14 -7.47
C ALA A 10 1.77 10.72 -7.73
N GLU A 11 2.72 9.81 -7.90
CA GLU A 11 2.40 8.41 -8.15
C GLU A 11 1.89 7.76 -6.87
N PHE A 12 2.25 8.37 -5.74
CA PHE A 12 1.83 7.89 -4.44
C PHE A 12 0.37 8.26 -4.20
N LYS A 13 -0.02 9.43 -4.70
CA LYS A 13 -1.38 9.94 -4.56
C LYS A 13 -2.34 9.04 -5.35
N GLU A 14 -1.80 8.44 -6.40
CA GLU A 14 -2.56 7.55 -7.26
C GLU A 14 -3.08 6.37 -6.47
N ALA A 15 -2.29 5.90 -5.52
CA ALA A 15 -2.67 4.75 -4.71
C ALA A 15 -3.89 5.08 -3.85
N PHE A 16 -3.94 6.30 -3.33
CA PHE A 16 -5.06 6.71 -2.48
C PHE A 16 -6.38 6.77 -3.26
N SER A 17 -6.27 6.74 -4.58
CA SER A 17 -7.46 6.82 -5.42
C SER A 17 -7.75 5.51 -6.16
N LEU A 18 -6.71 4.80 -6.56
CA LEU A 18 -6.88 3.55 -7.28
C LEU A 18 -6.91 2.34 -6.34
N PHE A 19 -6.33 2.47 -5.16
CA PHE A 19 -6.28 1.38 -4.19
C PHE A 19 -7.48 1.43 -3.26
N ASP A 20 -7.73 2.61 -2.69
CA ASP A 20 -8.86 2.79 -1.77
C ASP A 20 -10.17 2.99 -2.52
N LYS A 21 -11.26 2.52 -1.93
CA LYS A 21 -12.58 2.65 -2.56
C LYS A 21 -13.61 3.23 -1.59
N ASP A 22 -13.13 3.81 -0.50
CA ASP A 22 -14.02 4.37 0.50
C ASP A 22 -13.97 5.88 0.48
N GLY A 23 -12.77 6.40 0.29
CA GLY A 23 -12.58 7.84 0.25
C GLY A 23 -11.56 8.27 1.29
N ASP A 24 -11.25 7.35 2.20
CA ASP A 24 -10.29 7.62 3.27
C ASP A 24 -8.88 7.77 2.72
N GLY A 25 -8.53 6.94 1.73
CA GLY A 25 -7.22 7.00 1.13
C GLY A 25 -6.13 6.41 2.02
N THR A 26 -6.50 5.51 2.91
CA THR A 26 -5.55 4.89 3.82
C THR A 26 -5.53 3.38 3.61
N ILE A 27 -4.42 2.75 3.98
CA ILE A 27 -4.29 1.31 3.83
C ILE A 27 -4.64 0.59 5.11
N THR A 28 -5.78 -0.08 5.10
CA THR A 28 -6.24 -0.85 6.23
C THR A 28 -6.45 -2.31 5.82
N THR A 29 -6.79 -3.15 6.77
CA THR A 29 -7.03 -4.57 6.53
C THR A 29 -8.04 -4.79 5.40
N LYS A 30 -9.10 -3.99 5.43
CA LYS A 30 -10.19 -4.07 4.45
C LYS A 30 -9.72 -3.92 3.01
N GLU A 31 -9.01 -2.83 2.73
CA GLU A 31 -8.55 -2.54 1.36
C GLU A 31 -7.37 -3.42 0.96
N LEU A 32 -6.66 -3.92 1.95
CA LEU A 32 -5.50 -4.77 1.71
C LEU A 32 -5.97 -6.13 1.17
N GLY A 33 -6.92 -6.71 1.87
CA GLY A 33 -7.44 -8.01 1.49
C GLY A 33 -8.29 -7.98 0.24
N THR A 34 -9.09 -6.93 0.06
CA THR A 34 -9.97 -6.84 -1.12
C THR A 34 -9.20 -6.88 -2.42
N VAL A 35 -8.07 -6.19 -2.48
CA VAL A 35 -7.26 -6.17 -3.69
C VAL A 35 -6.57 -7.50 -3.92
N MET A 36 -5.79 -7.94 -2.92
CA MET A 36 -5.07 -9.20 -3.01
C MET A 36 -6.03 -10.39 -3.22
N ARG A 37 -7.26 -10.23 -2.75
CA ARG A 37 -8.30 -11.25 -2.90
C ARG A 37 -8.63 -11.50 -4.38
N SER A 38 -8.53 -10.45 -5.17
CA SER A 38 -8.82 -10.54 -6.60
C SER A 38 -7.56 -10.80 -7.41
N LEU A 39 -6.42 -10.83 -6.74
CA LEU A 39 -5.15 -11.06 -7.41
C LEU A 39 -4.77 -12.53 -7.33
N GLY A 40 -4.96 -13.14 -6.17
CA GLY A 40 -4.63 -14.54 -5.99
C GLY A 40 -5.29 -15.13 -4.78
N GLN A 41 -6.54 -14.72 -4.53
CA GLN A 41 -7.32 -15.19 -3.38
C GLN A 41 -6.79 -14.62 -2.06
N ASN A 42 -7.67 -14.51 -1.07
CA ASN A 42 -7.31 -13.97 0.23
C ASN A 42 -7.52 -15.01 1.32
N PRO A 43 -6.58 -15.11 2.29
CA PRO A 43 -6.69 -16.08 3.37
C PRO A 43 -7.70 -15.67 4.47
N THR A 44 -7.53 -16.21 5.66
CA THR A 44 -8.45 -15.90 6.77
C THR A 44 -8.16 -14.53 7.38
N GLU A 45 -9.15 -13.99 8.10
CA GLU A 45 -9.02 -12.71 8.77
C GLU A 45 -7.80 -12.70 9.69
N ALA A 46 -7.48 -13.86 10.25
CA ALA A 46 -6.33 -14.00 11.14
C ALA A 46 -5.05 -13.71 10.38
N GLU A 47 -4.85 -14.41 9.28
CA GLU A 47 -3.65 -14.24 8.45
C GLU A 47 -3.60 -12.84 7.86
N LEU A 48 -4.79 -12.30 7.56
CA LEU A 48 -4.91 -10.96 6.99
C LEU A 48 -4.50 -9.90 8.00
N GLN A 49 -4.92 -10.10 9.25
CA GLN A 49 -4.61 -9.16 10.32
C GLN A 49 -3.11 -9.19 10.62
N ASP A 50 -2.50 -10.35 10.45
CA ASP A 50 -1.07 -10.51 10.67
C ASP A 50 -0.29 -9.72 9.64
N MET A 51 -0.86 -9.61 8.45
CA MET A 51 -0.23 -8.89 7.35
C MET A 51 -0.13 -7.40 7.68
N ILE A 52 -1.16 -6.84 8.32
CA ILE A 52 -1.12 -5.41 8.67
C ILE A 52 -0.21 -5.16 9.87
N ASN A 53 0.19 -6.22 10.54
CA ASN A 53 1.09 -6.12 11.68
C ASN A 53 2.53 -6.09 11.19
N GLU A 54 2.70 -6.62 9.98
CA GLU A 54 4.00 -6.69 9.32
C GLU A 54 4.25 -5.44 8.50
N VAL A 55 3.50 -4.38 8.76
CA VAL A 55 3.64 -3.17 7.99
C VAL A 55 3.38 -1.91 8.81
N ASP A 56 2.40 -1.95 9.72
CA ASP A 56 2.13 -0.80 10.56
C ASP A 56 3.02 -0.82 11.78
N ALA A 57 4.11 -0.06 11.73
CA ALA A 57 5.09 -0.02 12.81
C ALA A 57 4.73 0.99 13.89
N ASP A 58 3.87 1.95 13.57
CA ASP A 58 3.48 2.98 14.54
C ASP A 58 2.57 2.39 15.62
N GLY A 59 1.71 1.45 15.22
CA GLY A 59 0.83 0.81 16.19
C GLY A 59 -0.59 1.35 16.19
N ASN A 60 -1.19 1.45 15.01
CA ASN A 60 -2.56 1.94 14.92
C ASN A 60 -3.38 1.06 13.97
N GLY A 61 -2.69 0.24 13.18
CA GLY A 61 -3.36 -0.65 12.24
C GLY A 61 -3.94 0.08 11.06
N THR A 62 -3.38 1.24 10.74
CA THR A 62 -3.83 2.05 9.63
C THR A 62 -2.70 2.93 9.14
N ILE A 63 -2.40 2.88 7.85
CA ILE A 63 -1.33 3.69 7.30
C ILE A 63 -1.90 4.93 6.61
N ASP A 64 -1.69 6.08 7.25
CA ASP A 64 -2.17 7.37 6.74
C ASP A 64 -1.17 7.92 5.71
N PHE A 65 -1.53 9.04 5.09
CA PHE A 65 -0.71 9.69 4.06
C PHE A 65 0.77 9.80 4.46
N PRO A 66 1.11 10.38 5.63
CA PRO A 66 2.51 10.51 6.07
C PRO A 66 3.22 9.17 6.19
N GLU A 67 2.51 8.16 6.68
CA GLU A 67 3.08 6.83 6.85
C GLU A 67 3.41 6.21 5.49
N PHE A 68 2.51 6.42 4.53
CA PHE A 68 2.68 5.90 3.19
C PHE A 68 3.91 6.49 2.52
N LEU A 69 4.17 7.77 2.79
CA LEU A 69 5.32 8.46 2.22
C LEU A 69 6.63 7.83 2.64
N THR A 70 6.63 7.13 3.76
CA THR A 70 7.84 6.48 4.25
C THR A 70 7.86 5.01 3.82
N MET A 71 6.69 4.38 3.88
CA MET A 71 6.54 2.97 3.51
C MET A 71 7.03 2.70 2.09
N MET A 72 6.61 3.52 1.13
CA MET A 72 7.03 3.33 -0.26
C MET A 72 8.31 4.10 -0.57
N ALA A 73 9.09 4.39 0.44
CA ALA A 73 10.34 5.11 0.25
C ALA A 73 11.51 4.42 0.97
N ARG A 74 11.25 3.96 2.18
CA ARG A 74 12.27 3.29 2.98
C ARG A 74 12.32 1.79 2.66
N LYS A 75 13.05 1.44 1.61
CA LYS A 75 13.18 0.04 1.23
C LYS A 75 14.42 -0.55 1.88
N MET A 76 14.49 -1.87 1.95
CA MET A 76 15.62 -2.55 2.55
C MET A 76 16.73 -2.76 1.53
N LYS A 77 17.97 -2.63 1.97
CA LYS A 77 19.13 -2.81 1.11
C LYS A 77 19.43 -4.29 0.88
N ASP A 78 18.51 -4.95 0.21
CA ASP A 78 18.68 -6.35 -0.06
C ASP A 78 18.88 -6.57 -1.56
N THR A 79 19.16 -7.79 -1.95
CA THR A 79 19.38 -8.10 -3.35
C THR A 79 18.06 -8.46 -4.03
N ASP A 80 17.05 -7.64 -3.76
CA ASP A 80 15.72 -7.82 -4.33
C ASP A 80 15.67 -7.26 -5.74
N ARG B 1 6.23 -10.74 3.40
CA ARG B 1 6.29 -9.43 4.10
C ARG B 1 5.31 -8.44 3.48
N ALA B 2 4.62 -7.67 4.30
CA ALA B 2 3.66 -6.68 3.81
C ALA B 2 4.33 -5.69 2.88
N ALA B 3 5.61 -5.42 3.12
CA ALA B 3 6.34 -4.47 2.33
C ALA B 3 6.61 -5.00 0.92
N ASN B 4 6.37 -6.29 0.69
CA ASN B 4 6.47 -6.87 -0.67
C ASN B 4 5.08 -7.02 -1.28
N LEU B 5 4.16 -7.44 -0.44
CA LEU B 5 2.77 -7.62 -0.83
C LEU B 5 2.16 -6.28 -1.16
N TRP B 6 2.40 -5.27 -0.33
CA TRP B 6 1.90 -3.91 -0.60
C TRP B 6 2.39 -3.45 -1.97
N PRO B 7 3.72 -3.48 -2.23
CA PRO B 7 4.29 -3.15 -3.55
C PRO B 7 3.56 -3.85 -4.70
N SER B 8 3.04 -5.05 -4.44
CA SER B 8 2.31 -5.79 -5.46
C SER B 8 1.10 -4.96 -5.97
N PRO B 9 0.05 -4.64 -5.14
CA PRO B 9 -1.07 -3.80 -5.61
C PRO B 9 -0.60 -2.47 -6.22
N LEU B 10 0.49 -1.94 -5.69
CA LEU B 10 1.04 -0.68 -6.20
C LEU B 10 1.57 -0.89 -7.61
N MET B 11 2.18 -2.05 -7.83
CA MET B 11 2.73 -2.41 -9.12
C MET B 11 1.56 -2.61 -10.09
N ILE B 12 0.50 -3.21 -9.58
CA ILE B 12 -0.72 -3.43 -10.35
C ILE B 12 -1.35 -2.07 -10.67
N LYS B 13 -1.25 -1.15 -9.71
CA LYS B 13 -1.77 0.19 -9.88
C LYS B 13 -1.01 0.89 -11.01
N ARG B 14 0.28 0.59 -11.10
CA ARG B 14 1.12 1.15 -12.16
C ARG B 14 0.70 0.59 -13.50
N SER B 15 0.36 -0.68 -13.51
CA SER B 15 -0.07 -1.36 -14.71
C SER B 15 -1.45 -0.84 -15.16
N LYS B 16 -2.28 -0.49 -14.18
CA LYS B 16 -3.61 0.04 -14.45
C LYS B 16 -3.48 1.50 -14.86
N LYS B 17 -2.49 2.18 -14.31
CA LYS B 17 -2.25 3.57 -14.63
C LYS B 17 -1.77 3.67 -16.07
N ASN B 18 -1.04 2.64 -16.50
CA ASN B 18 -0.52 2.57 -17.85
C ASN B 18 -1.63 2.15 -18.81
N SER B 19 -2.51 1.28 -18.34
CA SER B 19 -3.63 0.78 -19.12
C SER B 19 -4.85 1.67 -18.91
CA CA C . -10.29 2.97 2.79
CA CA D . 0.25 3.29 11.28
N ALA A 1 15.64 25.69 -5.30
CA ALA A 1 15.77 24.24 -5.05
C ALA A 1 14.67 23.49 -5.79
N ASP A 2 14.74 22.17 -5.78
CA ASP A 2 13.75 21.36 -6.47
C ASP A 2 12.51 21.16 -5.60
N GLN A 3 11.85 22.27 -5.28
CA GLN A 3 10.64 22.23 -4.46
C GLN A 3 9.44 21.88 -5.31
N LEU A 4 9.41 22.41 -6.52
CA LEU A 4 8.31 22.16 -7.43
C LEU A 4 8.51 20.86 -8.20
N THR A 5 8.59 19.77 -7.46
CA THR A 5 8.79 18.46 -8.04
C THR A 5 7.46 17.89 -8.56
N GLU A 6 6.66 17.36 -7.64
CA GLU A 6 5.36 16.78 -7.96
C GLU A 6 5.46 15.81 -9.13
N GLU A 7 6.24 14.75 -8.94
CA GLU A 7 6.44 13.73 -9.96
C GLU A 7 6.22 12.35 -9.36
N GLN A 8 6.79 12.15 -8.17
CA GLN A 8 6.65 10.88 -7.46
C GLN A 8 5.38 10.95 -6.62
N ILE A 9 5.13 12.13 -6.06
CA ILE A 9 3.96 12.37 -5.23
C ILE A 9 2.67 12.09 -5.99
N ALA A 10 2.69 12.33 -7.29
CA ALA A 10 1.54 12.09 -8.15
C ALA A 10 1.23 10.59 -8.14
N GLU A 11 2.28 9.79 -8.12
CA GLU A 11 2.16 8.34 -8.10
C GLU A 11 1.68 7.87 -6.73
N PHE A 12 2.06 8.60 -5.69
CA PHE A 12 1.65 8.27 -4.33
C PHE A 12 0.17 8.56 -4.13
N LYS A 13 -0.31 9.63 -4.74
CA LYS A 13 -1.73 10.00 -4.65
C LYS A 13 -2.58 8.94 -5.31
N GLU A 14 -2.03 8.34 -6.36
CA GLU A 14 -2.73 7.30 -7.09
C GLU A 14 -3.07 6.14 -6.18
N ALA A 15 -2.21 5.89 -5.20
CA ALA A 15 -2.42 4.80 -4.27
C ALA A 15 -3.68 5.02 -3.44
N PHE A 16 -3.85 6.23 -2.94
CA PHE A 16 -5.01 6.55 -2.11
C PHE A 16 -6.24 6.88 -2.97
N SER A 17 -6.15 6.59 -4.27
CA SER A 17 -7.25 6.84 -5.18
C SER A 17 -7.67 5.56 -5.90
N LEU A 18 -6.70 4.78 -6.36
CA LEU A 18 -7.00 3.54 -7.07
C LEU A 18 -7.14 2.36 -6.11
N PHE A 19 -6.38 2.40 -5.02
CA PHE A 19 -6.40 1.33 -4.03
C PHE A 19 -7.64 1.45 -3.16
N ASP A 20 -7.80 2.59 -2.53
CA ASP A 20 -8.93 2.85 -1.65
C ASP A 20 -10.13 3.35 -2.43
N LYS A 21 -11.31 2.88 -2.07
CA LYS A 21 -12.55 3.27 -2.75
C LYS A 21 -13.51 3.96 -1.78
N ASP A 22 -13.10 4.08 -0.52
CA ASP A 22 -13.95 4.71 0.49
C ASP A 22 -13.73 6.21 0.49
N GLY A 23 -12.47 6.60 0.44
CA GLY A 23 -12.13 8.01 0.45
C GLY A 23 -11.28 8.34 1.65
N ASP A 24 -11.12 7.33 2.51
CA ASP A 24 -10.32 7.44 3.72
C ASP A 24 -8.88 7.74 3.35
N GLY A 25 -8.44 7.19 2.21
CA GLY A 25 -7.09 7.41 1.76
C GLY A 25 -6.05 6.82 2.68
N THR A 26 -6.33 5.62 3.17
CA THR A 26 -5.43 4.93 4.07
C THR A 26 -5.41 3.44 3.76
N ILE A 27 -4.25 2.80 3.93
CA ILE A 27 -4.14 1.37 3.69
C ILE A 27 -4.57 0.59 4.94
N THR A 28 -5.74 -0.02 4.85
CA THR A 28 -6.28 -0.81 5.94
C THR A 28 -6.50 -2.25 5.49
N THR A 29 -6.96 -3.11 6.39
CA THR A 29 -7.20 -4.52 6.08
C THR A 29 -8.19 -4.64 4.91
N LYS A 30 -9.14 -3.73 4.85
CA LYS A 30 -10.16 -3.73 3.81
C LYS A 30 -9.56 -3.62 2.40
N GLU A 31 -8.65 -2.68 2.22
CA GLU A 31 -8.03 -2.46 0.91
C GLU A 31 -6.90 -3.44 0.67
N LEU A 32 -6.32 -3.91 1.75
CA LEU A 32 -5.21 -4.85 1.69
C LEU A 32 -5.72 -6.23 1.25
N GLY A 33 -6.95 -6.56 1.66
CA GLY A 33 -7.52 -7.83 1.30
C GLY A 33 -8.23 -7.84 -0.05
N THR A 34 -8.83 -6.73 -0.42
CA THR A 34 -9.56 -6.63 -1.68
C THR A 34 -8.68 -6.94 -2.89
N VAL A 35 -7.43 -6.47 -2.86
CA VAL A 35 -6.52 -6.71 -3.95
C VAL A 35 -6.10 -8.18 -4.00
N MET A 36 -5.65 -8.72 -2.85
CA MET A 36 -5.24 -10.11 -2.76
C MET A 36 -6.35 -11.05 -3.20
N ARG A 37 -7.56 -10.75 -2.74
CA ARG A 37 -8.74 -11.53 -3.06
C ARG A 37 -8.93 -11.70 -4.57
N SER A 38 -8.70 -10.63 -5.30
CA SER A 38 -8.86 -10.64 -6.76
C SER A 38 -7.62 -11.17 -7.47
N LEU A 39 -6.50 -11.17 -6.76
CA LEU A 39 -5.24 -11.64 -7.35
C LEU A 39 -5.06 -13.14 -7.17
N GLY A 40 -5.16 -13.62 -5.94
CA GLY A 40 -4.99 -15.03 -5.69
C GLY A 40 -5.79 -15.51 -4.50
N GLN A 41 -7.05 -15.04 -4.44
CA GLN A 41 -7.98 -15.39 -3.36
C GLN A 41 -7.59 -14.72 -2.04
N ASN A 42 -8.57 -14.54 -1.18
CA ASN A 42 -8.33 -13.91 0.12
C ASN A 42 -8.12 -14.99 1.19
N PRO A 43 -7.09 -14.83 2.03
CA PRO A 43 -6.80 -15.77 3.11
C PRO A 43 -7.79 -15.62 4.26
N THR A 44 -7.42 -16.11 5.44
CA THR A 44 -8.30 -15.99 6.59
C THR A 44 -8.10 -14.63 7.23
N GLU A 45 -9.05 -14.25 8.10
CA GLU A 45 -8.97 -12.97 8.79
C GLU A 45 -7.76 -12.94 9.71
N ALA A 46 -7.30 -14.12 10.12
CA ALA A 46 -6.13 -14.23 10.99
C ALA A 46 -4.87 -13.75 10.27
N GLU A 47 -4.65 -14.29 9.08
CA GLU A 47 -3.51 -13.92 8.28
C GLU A 47 -3.63 -12.48 7.79
N LEU A 48 -4.86 -12.06 7.54
CA LEU A 48 -5.15 -10.72 7.07
C LEU A 48 -4.85 -9.68 8.15
N GLN A 49 -5.24 -10.00 9.37
CA GLN A 49 -5.03 -9.10 10.50
C GLN A 49 -3.54 -8.95 10.82
N ASP A 50 -2.81 -10.06 10.74
CA ASP A 50 -1.38 -10.02 11.03
C ASP A 50 -0.62 -9.33 9.90
N MET A 51 -1.18 -9.41 8.69
CA MET A 51 -0.55 -8.78 7.53
C MET A 51 -0.46 -7.27 7.72
N ILE A 52 -1.49 -6.67 8.30
CA ILE A 52 -1.49 -5.24 8.53
C ILE A 52 -0.65 -4.91 9.77
N ASN A 53 -0.37 -5.93 10.57
CA ASN A 53 0.46 -5.78 11.76
C ASN A 53 1.92 -5.85 11.35
N GLU A 54 2.17 -6.57 10.27
CA GLU A 54 3.51 -6.76 9.75
C GLU A 54 3.95 -5.57 8.90
N VAL A 55 3.22 -4.47 9.02
CA VAL A 55 3.52 -3.26 8.26
C VAL A 55 3.24 -2.00 9.08
N ASP A 56 2.14 -2.01 9.82
CA ASP A 56 1.77 -0.85 10.64
C ASP A 56 2.60 -0.82 11.92
N ALA A 57 3.72 -0.11 11.84
CA ALA A 57 4.64 0.01 12.96
C ALA A 57 4.04 0.79 14.13
N ASP A 58 3.15 1.72 13.82
CA ASP A 58 2.53 2.53 14.86
C ASP A 58 1.63 1.67 15.75
N GLY A 59 0.92 0.74 15.14
CA GLY A 59 0.06 -0.16 15.91
C GLY A 59 -1.38 0.31 15.99
N ASN A 60 -1.93 0.70 14.85
CA ASN A 60 -3.30 1.15 14.79
C ASN A 60 -4.00 0.56 13.57
N GLY A 61 -3.24 -0.20 12.79
CA GLY A 61 -3.77 -0.85 11.60
C GLY A 61 -4.11 0.12 10.49
N THR A 62 -3.61 1.35 10.60
CA THR A 62 -3.89 2.36 9.59
C THR A 62 -2.62 3.11 9.19
N ILE A 63 -2.43 3.27 7.88
CA ILE A 63 -1.27 3.98 7.36
C ILE A 63 -1.73 5.17 6.52
N ASP A 64 -1.34 6.37 6.96
CA ASP A 64 -1.70 7.60 6.26
C ASP A 64 -0.53 8.05 5.38
N PHE A 65 -0.65 9.25 4.80
CA PHE A 65 0.38 9.82 3.92
C PHE A 65 1.77 9.79 4.57
N PRO A 66 1.94 10.38 5.77
CA PRO A 66 3.22 10.40 6.47
C PRO A 66 3.87 9.01 6.53
N GLU A 67 3.05 8.01 6.87
CA GLU A 67 3.51 6.64 6.98
C GLU A 67 3.87 6.08 5.61
N PHE A 68 2.98 6.29 4.64
CA PHE A 68 3.16 5.79 3.28
C PHE A 68 4.44 6.35 2.65
N LEU A 69 4.69 7.63 2.91
CA LEU A 69 5.87 8.30 2.38
C LEU A 69 7.15 7.59 2.82
N THR A 70 7.14 7.04 4.03
CA THR A 70 8.29 6.33 4.57
C THR A 70 8.27 4.85 4.16
N MET A 71 7.06 4.28 4.13
CA MET A 71 6.86 2.87 3.77
C MET A 71 7.37 2.57 2.37
N MET A 72 7.03 3.41 1.41
CA MET A 72 7.45 3.21 0.03
C MET A 72 8.79 3.91 -0.24
N ALA A 73 9.62 4.02 0.79
CA ALA A 73 10.92 4.64 0.66
C ALA A 73 11.98 3.82 1.41
N ARG A 74 11.68 3.48 2.66
CA ARG A 74 12.59 2.69 3.48
C ARG A 74 12.53 1.23 3.06
N LYS A 75 13.39 0.87 2.11
CA LYS A 75 13.43 -0.50 1.62
C LYS A 75 14.57 -1.27 2.27
N MET A 76 14.46 -2.59 2.27
CA MET A 76 15.47 -3.46 2.86
C MET A 76 16.64 -3.64 1.91
N LYS A 77 17.77 -4.10 2.45
CA LYS A 77 18.95 -4.31 1.65
C LYS A 77 19.13 -5.77 1.24
N ASP A 78 18.26 -6.63 1.77
CA ASP A 78 18.32 -8.05 1.43
C ASP A 78 17.60 -8.30 0.12
N THR A 79 17.49 -9.55 -0.27
CA THR A 79 16.81 -9.91 -1.50
C THR A 79 15.36 -10.27 -1.23
N ASP A 80 14.45 -9.68 -1.99
CA ASP A 80 13.03 -9.93 -1.83
C ASP A 80 12.48 -10.63 -3.07
N ARG B 1 7.63 -10.16 3.98
CA ARG B 1 6.89 -9.35 4.97
C ARG B 1 5.84 -8.51 4.24
N ALA B 2 5.05 -7.74 4.99
CA ALA B 2 4.02 -6.88 4.41
C ALA B 2 4.62 -5.86 3.45
N ALA B 3 5.89 -5.55 3.64
CA ALA B 3 6.59 -4.60 2.80
C ALA B 3 6.73 -5.15 1.39
N ASN B 4 6.44 -6.45 1.22
CA ASN B 4 6.42 -7.08 -0.11
C ASN B 4 4.99 -7.20 -0.63
N LEU B 5 4.05 -7.46 0.28
CA LEU B 5 2.63 -7.66 -0.03
C LEU B 5 1.94 -6.33 -0.22
N TRP B 6 2.66 -5.26 0.07
CA TRP B 6 2.19 -3.91 -0.19
C TRP B 6 2.70 -3.49 -1.58
N PRO B 7 4.03 -3.55 -1.84
CA PRO B 7 4.62 -3.26 -3.17
C PRO B 7 3.90 -3.97 -4.30
N SER B 8 3.48 -5.22 -4.06
CA SER B 8 2.75 -5.97 -5.07
C SER B 8 1.42 -5.23 -5.37
N PRO B 9 0.51 -5.06 -4.38
CA PRO B 9 -0.73 -4.27 -4.56
C PRO B 9 -0.48 -2.91 -5.23
N LEU B 10 0.61 -2.24 -4.86
CA LEU B 10 0.95 -0.96 -5.45
C LEU B 10 1.36 -1.14 -6.91
N MET B 11 2.05 -2.25 -7.18
CA MET B 11 2.48 -2.58 -8.53
C MET B 11 1.24 -2.83 -9.38
N ILE B 12 0.24 -3.44 -8.76
CA ILE B 12 -1.04 -3.69 -9.41
C ILE B 12 -1.68 -2.37 -9.78
N LYS B 13 -1.59 -1.41 -8.87
CA LYS B 13 -2.15 -0.09 -9.09
C LYS B 13 -1.46 0.57 -10.27
N ARG B 14 -0.13 0.44 -10.33
CA ARG B 14 0.64 1.02 -11.41
C ARG B 14 0.27 0.37 -12.73
N SER B 15 -0.05 -0.93 -12.66
CA SER B 15 -0.45 -1.67 -13.85
C SER B 15 -1.83 -1.19 -14.31
N LYS B 16 -2.68 -0.84 -13.33
CA LYS B 16 -4.01 -0.32 -13.64
C LYS B 16 -3.90 1.12 -14.13
N LYS B 17 -2.86 1.81 -13.65
CA LYS B 17 -2.60 3.19 -14.05
C LYS B 17 -2.16 3.21 -15.49
N ASN B 18 -1.42 2.18 -15.88
CA ASN B 18 -0.93 2.03 -17.23
C ASN B 18 -2.07 1.56 -18.13
N SER B 19 -2.87 0.65 -17.58
CA SER B 19 -4.02 0.12 -18.28
C SER B 19 -5.31 0.87 -17.89
CA CA C . -10.75 2.70 2.42
CA CA D . 0.03 3.17 11.03
N ALA A 1 16.06 23.24 -5.71
CA ALA A 1 16.22 22.24 -4.64
C ALA A 1 15.02 21.28 -4.64
N ASP A 2 15.11 20.24 -3.83
CA ASP A 2 14.05 19.24 -3.71
C ASP A 2 12.87 19.83 -2.94
N GLN A 3 11.95 20.42 -3.67
CA GLN A 3 10.75 21.01 -3.10
C GLN A 3 9.60 20.87 -4.09
N LEU A 4 9.85 21.30 -5.32
CA LEU A 4 8.85 21.22 -6.40
C LEU A 4 9.09 19.97 -7.23
N THR A 5 9.47 18.90 -6.55
CA THR A 5 9.73 17.64 -7.21
C THR A 5 8.43 16.96 -7.65
N GLU A 6 7.64 16.52 -6.66
CA GLU A 6 6.35 15.86 -6.89
C GLU A 6 6.44 14.84 -8.03
N GLU A 7 7.18 13.76 -7.80
CA GLU A 7 7.36 12.72 -8.80
C GLU A 7 6.90 11.36 -8.29
N GLN A 8 7.26 11.04 -7.05
CA GLN A 8 6.89 9.76 -6.45
C GLN A 8 5.56 9.87 -5.73
N ILE A 9 5.31 11.04 -5.15
CA ILE A 9 4.07 11.30 -4.44
C ILE A 9 2.88 11.20 -5.40
N ALA A 10 3.15 11.43 -6.68
CA ALA A 10 2.11 11.37 -7.72
C ALA A 10 1.53 9.95 -7.82
N GLU A 11 2.40 8.96 -7.69
CA GLU A 11 1.99 7.57 -7.78
C GLU A 11 1.46 7.09 -6.44
N PHE A 12 1.81 7.82 -5.38
CA PHE A 12 1.35 7.49 -4.04
C PHE A 12 -0.10 7.89 -3.89
N LYS A 13 -0.43 9.05 -4.45
CA LYS A 13 -1.78 9.56 -4.41
C LYS A 13 -2.71 8.64 -5.20
N GLU A 14 -2.14 7.94 -6.17
CA GLU A 14 -2.90 7.01 -7.00
C GLU A 14 -3.37 5.83 -6.17
N ALA A 15 -2.68 5.56 -5.08
CA ALA A 15 -3.05 4.46 -4.20
C ALA A 15 -4.30 4.84 -3.41
N PHE A 16 -4.39 6.10 -2.99
CA PHE A 16 -5.54 6.54 -2.24
C PHE A 16 -6.75 6.72 -3.16
N SER A 17 -6.54 6.49 -4.45
CA SER A 17 -7.60 6.64 -5.44
C SER A 17 -8.00 5.29 -6.04
N LEU A 18 -7.01 4.57 -6.56
CA LEU A 18 -7.27 3.27 -7.18
C LEU A 18 -7.28 2.15 -6.16
N PHE A 19 -6.33 2.19 -5.23
CA PHE A 19 -6.20 1.15 -4.21
C PHE A 19 -7.29 1.28 -3.15
N ASP A 20 -7.66 2.51 -2.82
CA ASP A 20 -8.70 2.76 -1.83
C ASP A 20 -10.05 2.88 -2.51
N LYS A 21 -11.04 2.15 -2.00
CA LYS A 21 -12.37 2.14 -2.60
C LYS A 21 -13.37 2.94 -1.78
N ASP A 22 -12.99 3.34 -0.58
CA ASP A 22 -13.91 4.07 0.31
C ASP A 22 -13.77 5.58 0.12
N GLY A 23 -12.56 6.03 -0.13
CA GLY A 23 -12.32 7.45 -0.31
C GLY A 23 -11.57 8.05 0.87
N ASP A 24 -11.25 7.20 1.84
CA ASP A 24 -10.53 7.62 3.03
C ASP A 24 -9.04 7.72 2.75
N GLY A 25 -8.58 6.91 1.81
CA GLY A 25 -7.16 6.91 1.46
C GLY A 25 -6.31 6.05 2.36
N THR A 26 -6.50 6.17 3.66
CA THR A 26 -5.71 5.40 4.64
C THR A 26 -5.75 3.90 4.35
N ILE A 27 -4.57 3.31 4.20
CA ILE A 27 -4.47 1.87 3.94
C ILE A 27 -4.87 1.06 5.15
N THR A 28 -5.91 0.26 4.99
CA THR A 28 -6.39 -0.61 6.04
C THR A 28 -6.48 -2.04 5.50
N THR A 29 -6.68 -2.98 6.39
CA THR A 29 -6.78 -4.37 6.01
C THR A 29 -7.87 -4.60 4.96
N LYS A 30 -8.95 -3.81 5.04
CA LYS A 30 -10.07 -3.91 4.11
C LYS A 30 -9.64 -3.64 2.66
N GLU A 31 -8.85 -2.59 2.44
CA GLU A 31 -8.42 -2.24 1.10
C GLU A 31 -7.24 -3.10 0.63
N LEU A 32 -6.52 -3.65 1.59
CA LEU A 32 -5.36 -4.52 1.30
C LEU A 32 -5.85 -5.86 0.77
N GLY A 33 -6.78 -6.47 1.49
CA GLY A 33 -7.30 -7.77 1.10
C GLY A 33 -8.15 -7.73 -0.16
N THR A 34 -8.93 -6.67 -0.35
CA THR A 34 -9.80 -6.57 -1.53
C THR A 34 -9.03 -6.72 -2.85
N VAL A 35 -7.78 -6.27 -2.87
CA VAL A 35 -6.99 -6.38 -4.09
C VAL A 35 -6.48 -7.81 -4.25
N MET A 36 -5.86 -8.32 -3.19
CA MET A 36 -5.32 -9.69 -3.20
C MET A 36 -6.43 -10.73 -3.46
N ARG A 37 -7.64 -10.44 -2.98
CA ARG A 37 -8.78 -11.34 -3.16
C ARG A 37 -9.06 -11.62 -4.63
N SER A 38 -8.96 -10.59 -5.45
CA SER A 38 -9.24 -10.75 -6.87
C SER A 38 -7.95 -10.97 -7.65
N LEU A 39 -6.84 -10.84 -6.97
CA LEU A 39 -5.54 -11.03 -7.60
C LEU A 39 -5.15 -12.51 -7.56
N GLY A 40 -5.29 -13.13 -6.39
CA GLY A 40 -4.95 -14.53 -6.25
C GLY A 40 -5.56 -15.16 -5.02
N GLN A 41 -6.87 -14.93 -4.80
CA GLN A 41 -7.60 -15.49 -3.66
C GLN A 41 -7.16 -14.85 -2.34
N ASN A 42 -8.13 -14.58 -1.47
CA ASN A 42 -7.86 -13.97 -0.17
C ASN A 42 -7.80 -15.04 0.92
N PRO A 43 -6.80 -14.94 1.82
CA PRO A 43 -6.64 -15.88 2.94
C PRO A 43 -7.64 -15.61 4.07
N THR A 44 -7.37 -16.17 5.23
CA THR A 44 -8.23 -15.96 6.38
C THR A 44 -8.03 -14.54 6.91
N GLU A 45 -8.96 -14.09 7.73
CA GLU A 45 -8.86 -12.75 8.30
C GLU A 45 -7.70 -12.67 9.27
N ALA A 46 -7.38 -13.80 9.90
CA ALA A 46 -6.26 -13.87 10.84
C ALA A 46 -4.95 -13.60 10.12
N GLU A 47 -4.74 -14.28 9.01
CA GLU A 47 -3.54 -14.10 8.20
C GLU A 47 -3.47 -12.67 7.65
N LEU A 48 -4.62 -12.12 7.31
CA LEU A 48 -4.69 -10.77 6.79
C LEU A 48 -4.37 -9.75 7.88
N GLN A 49 -4.77 -10.07 9.11
CA GLN A 49 -4.51 -9.20 10.24
C GLN A 49 -3.02 -9.17 10.54
N ASP A 50 -2.37 -10.33 10.43
CA ASP A 50 -0.94 -10.46 10.67
C ASP A 50 -0.17 -9.58 9.69
N MET A 51 -0.76 -9.41 8.51
CA MET A 51 -0.16 -8.59 7.46
C MET A 51 -0.06 -7.11 7.86
N ILE A 52 -1.13 -6.58 8.46
CA ILE A 52 -1.14 -5.17 8.85
C ILE A 52 -0.22 -4.92 10.06
N ASN A 53 0.13 -5.98 10.76
CA ASN A 53 1.01 -5.86 11.92
C ASN A 53 2.47 -5.79 11.49
N GLU A 54 2.73 -6.33 10.32
CA GLU A 54 4.08 -6.35 9.76
C GLU A 54 4.31 -5.15 8.85
N VAL A 55 3.38 -4.22 8.83
CA VAL A 55 3.50 -3.07 7.93
C VAL A 55 2.99 -1.78 8.57
N ASP A 56 3.02 -1.73 9.89
CA ASP A 56 2.60 -0.55 10.63
C ASP A 56 3.44 -0.39 11.89
N ALA A 57 4.49 0.42 11.79
CA ALA A 57 5.42 0.64 12.89
C ALA A 57 4.76 1.37 14.06
N ASP A 58 3.76 2.20 13.76
CA ASP A 58 3.05 2.94 14.80
C ASP A 58 2.19 2.01 15.64
N GLY A 59 1.95 0.82 15.14
CA GLY A 59 1.16 -0.17 15.88
C GLY A 59 -0.28 0.24 16.07
N ASN A 60 -0.87 0.79 15.03
CA ASN A 60 -2.27 1.20 15.08
C ASN A 60 -3.09 0.47 14.01
N GLY A 61 -2.40 -0.06 13.01
CA GLY A 61 -3.05 -0.79 11.94
C GLY A 61 -3.56 0.12 10.84
N THR A 62 -2.90 1.26 10.65
CA THR A 62 -3.29 2.21 9.62
C THR A 62 -2.10 3.08 9.20
N ILE A 63 -2.04 3.38 7.91
CA ILE A 63 -0.99 4.20 7.36
C ILE A 63 -1.58 5.41 6.64
N ASP A 64 -1.33 6.60 7.20
CA ASP A 64 -1.83 7.85 6.63
C ASP A 64 -0.85 8.37 5.58
N PHE A 65 -1.10 9.60 5.12
CA PHE A 65 -0.28 10.26 4.11
C PHE A 65 1.19 10.37 4.57
N PRO A 66 1.47 10.95 5.76
CA PRO A 66 2.83 11.08 6.28
C PRO A 66 3.57 9.76 6.34
N GLU A 67 2.87 8.70 6.73
CA GLU A 67 3.47 7.38 6.83
C GLU A 67 3.85 6.83 5.45
N PHE A 68 2.92 6.98 4.51
CA PHE A 68 3.10 6.50 3.14
C PHE A 68 4.32 7.10 2.47
N LEU A 69 4.68 8.32 2.86
CA LEU A 69 5.84 9.01 2.31
C LEU A 69 7.14 8.24 2.59
N THR A 70 7.16 7.46 3.68
CA THR A 70 8.34 6.70 4.02
C THR A 70 8.13 5.21 3.75
N MET A 71 6.88 4.77 3.80
CA MET A 71 6.53 3.37 3.57
C MET A 71 7.15 2.81 2.29
N MET A 72 6.97 3.49 1.18
CA MET A 72 7.51 3.02 -0.10
C MET A 72 8.88 3.62 -0.40
N ALA A 73 9.53 4.16 0.61
CA ALA A 73 10.85 4.74 0.43
C ALA A 73 11.92 3.90 1.12
N ARG A 74 11.62 3.42 2.31
CA ARG A 74 12.58 2.62 3.07
C ARG A 74 12.32 1.13 2.80
N LYS A 75 12.91 0.62 1.73
CA LYS A 75 12.74 -0.79 1.36
C LYS A 75 13.96 -1.63 1.74
N MET A 76 13.88 -2.93 1.46
CA MET A 76 14.97 -3.85 1.76
C MET A 76 16.05 -3.81 0.68
N LYS A 77 17.16 -4.51 0.92
CA LYS A 77 18.25 -4.57 -0.04
C LYS A 77 18.24 -5.89 -0.78
N ASP A 78 17.73 -6.93 -0.12
CA ASP A 78 17.68 -8.26 -0.71
C ASP A 78 16.79 -8.27 -1.94
N THR A 79 17.17 -9.04 -2.94
CA THR A 79 16.40 -9.15 -4.17
C THR A 79 15.09 -9.91 -3.93
N ASP A 80 13.97 -9.23 -4.19
CA ASP A 80 12.66 -9.85 -4.02
C ASP A 80 12.34 -10.74 -5.22
N ARG B 1 8.29 -9.50 3.57
CA ARG B 1 7.65 -8.57 4.51
C ARG B 1 6.44 -7.91 3.86
N ALA B 2 5.54 -7.38 4.69
CA ALA B 2 4.35 -6.70 4.20
C ALA B 2 4.75 -5.53 3.31
N ALA B 3 5.95 -5.02 3.51
CA ALA B 3 6.47 -3.90 2.74
C ALA B 3 6.73 -4.30 1.30
N ASN B 4 6.75 -5.60 1.03
CA ASN B 4 6.89 -6.12 -0.33
C ASN B 4 5.51 -6.43 -0.89
N LEU B 5 4.65 -6.99 -0.03
CA LEU B 5 3.27 -7.33 -0.38
C LEU B 5 2.51 -6.06 -0.68
N TRP B 6 2.70 -5.03 0.12
CA TRP B 6 2.05 -3.75 -0.12
C TRP B 6 2.41 -3.27 -1.54
N PRO B 7 3.71 -3.13 -1.86
CA PRO B 7 4.18 -2.80 -3.21
C PRO B 7 3.57 -3.68 -4.30
N SER B 8 3.15 -4.90 -3.95
CA SER B 8 2.53 -5.80 -4.93
C SER B 8 1.25 -5.15 -5.49
N PRO B 9 0.14 -4.96 -4.70
CA PRO B 9 -1.05 -4.24 -5.17
C PRO B 9 -0.70 -2.90 -5.83
N LEU B 10 0.28 -2.21 -5.27
CA LEU B 10 0.71 -0.92 -5.79
C LEU B 10 1.23 -1.10 -7.22
N MET B 11 1.93 -2.20 -7.44
CA MET B 11 2.47 -2.53 -8.76
C MET B 11 1.34 -2.82 -9.72
N ILE B 12 0.32 -3.50 -9.22
CA ILE B 12 -0.87 -3.82 -10.02
C ILE B 12 -1.58 -2.52 -10.38
N LYS B 13 -1.61 -1.61 -9.41
CA LYS B 13 -2.21 -0.30 -9.61
C LYS B 13 -1.45 0.45 -10.68
N ARG B 14 -0.12 0.32 -10.64
CA ARG B 14 0.74 0.97 -11.63
C ARG B 14 0.45 0.40 -13.01
N SER B 15 0.34 -0.91 -13.09
CA SER B 15 0.04 -1.59 -14.34
C SER B 15 -1.30 -1.10 -14.89
N LYS B 16 -2.26 -0.86 -13.99
CA LYS B 16 -3.57 -0.38 -14.40
C LYS B 16 -3.49 1.10 -14.81
N LYS B 17 -2.67 1.87 -14.08
CA LYS B 17 -2.49 3.29 -14.41
C LYS B 17 -1.83 3.43 -15.77
N ASN B 18 -1.05 2.42 -16.13
CA ASN B 18 -0.37 2.39 -17.40
C ASN B 18 -1.32 1.90 -18.49
N SER B 19 -2.26 1.05 -18.08
CA SER B 19 -3.26 0.51 -18.99
C SER B 19 -4.55 1.32 -18.98
CA CA C . -10.25 3.02 2.54
CA CA D . 0.65 3.46 10.89
N ALA A 1 14.36 26.36 -8.29
CA ALA A 1 14.62 25.54 -7.07
C ALA A 1 13.47 24.54 -6.89
N ASP A 2 13.44 23.88 -5.73
CA ASP A 2 12.38 22.91 -5.44
C ASP A 2 11.11 23.65 -5.01
N GLN A 3 10.32 24.03 -5.98
CA GLN A 3 9.07 24.73 -5.74
C GLN A 3 7.94 23.99 -6.41
N LEU A 4 7.97 23.96 -7.73
CA LEU A 4 6.95 23.28 -8.51
C LEU A 4 7.52 21.98 -9.07
N THR A 5 7.80 21.06 -8.17
CA THR A 5 8.33 19.76 -8.54
C THR A 5 7.21 18.89 -9.09
N GLU A 6 6.38 18.38 -8.17
CA GLU A 6 5.24 17.53 -8.49
C GLU A 6 5.52 16.57 -9.64
N GLU A 7 6.39 15.59 -9.38
CA GLU A 7 6.73 14.61 -10.40
C GLU A 7 6.57 13.19 -9.86
N GLN A 8 7.26 12.91 -8.77
CA GLN A 8 7.21 11.60 -8.14
C GLN A 8 5.92 11.49 -7.32
N ILE A 9 5.61 12.58 -6.62
CA ILE A 9 4.43 12.65 -5.76
C ILE A 9 3.15 12.36 -6.53
N ALA A 10 3.16 12.59 -7.85
CA ALA A 10 2.00 12.36 -8.68
C ALA A 10 1.62 10.88 -8.73
N GLU A 11 2.63 10.02 -8.62
CA GLU A 11 2.39 8.58 -8.66
C GLU A 11 2.02 8.07 -7.27
N PHE A 12 2.40 8.83 -6.25
CA PHE A 12 2.10 8.47 -4.86
C PHE A 12 0.63 8.77 -4.56
N LYS A 13 0.11 9.82 -5.20
CA LYS A 13 -1.29 10.22 -5.01
C LYS A 13 -2.24 9.22 -5.67
N GLU A 14 -1.69 8.39 -6.54
CA GLU A 14 -2.48 7.39 -7.24
C GLU A 14 -2.89 6.27 -6.29
N ALA A 15 -2.10 6.07 -5.24
CA ALA A 15 -2.38 5.02 -4.28
C ALA A 15 -3.67 5.31 -3.52
N PHE A 16 -3.84 6.55 -3.10
CA PHE A 16 -5.02 6.94 -2.35
C PHE A 16 -6.21 7.18 -3.28
N SER A 17 -6.01 6.90 -4.57
CA SER A 17 -7.06 7.09 -5.57
C SER A 17 -7.55 5.77 -6.15
N LEU A 18 -6.63 4.84 -6.40
CA LEU A 18 -7.00 3.54 -6.97
C LEU A 18 -6.97 2.43 -5.94
N PHE A 19 -5.94 2.39 -5.10
CA PHE A 19 -5.82 1.36 -4.08
C PHE A 19 -6.98 1.46 -3.09
N ASP A 20 -7.43 2.68 -2.84
CA ASP A 20 -8.55 2.93 -1.94
C ASP A 20 -9.86 3.00 -2.73
N LYS A 21 -10.91 2.41 -2.21
CA LYS A 21 -12.20 2.41 -2.90
C LYS A 21 -13.30 2.98 -2.00
N ASP A 22 -12.94 3.92 -1.15
CA ASP A 22 -13.92 4.52 -0.25
C ASP A 22 -13.84 6.04 -0.28
N GLY A 23 -12.65 6.56 -0.53
CA GLY A 23 -12.45 8.00 -0.56
C GLY A 23 -11.82 8.49 0.71
N ASP A 24 -11.22 7.56 1.44
CA ASP A 24 -10.58 7.88 2.72
C ASP A 24 -9.08 8.07 2.52
N GLY A 25 -8.51 7.33 1.56
CA GLY A 25 -7.10 7.43 1.28
C GLY A 25 -6.21 6.88 2.38
N THR A 26 -6.66 5.88 3.10
CA THR A 26 -5.86 5.29 4.17
C THR A 26 -5.73 3.79 3.98
N ILE A 27 -4.54 3.24 4.20
CA ILE A 27 -4.33 1.82 4.02
C ILE A 27 -4.78 1.03 5.23
N THR A 28 -5.85 0.26 5.05
CA THR A 28 -6.39 -0.57 6.10
C THR A 28 -6.55 -2.00 5.57
N THR A 29 -6.83 -2.92 6.48
CA THR A 29 -7.01 -4.32 6.11
C THR A 29 -8.05 -4.50 4.99
N LYS A 30 -9.06 -3.63 4.97
CA LYS A 30 -10.12 -3.70 3.99
C LYS A 30 -9.60 -3.51 2.57
N GLU A 31 -8.75 -2.52 2.40
CA GLU A 31 -8.20 -2.20 1.09
C GLU A 31 -7.07 -3.14 0.72
N LEU A 32 -6.50 -3.77 1.74
CA LEU A 32 -5.40 -4.70 1.57
C LEU A 32 -5.93 -6.07 1.12
N GLY A 33 -6.95 -6.54 1.81
CA GLY A 33 -7.52 -7.84 1.50
C GLY A 33 -8.28 -7.86 0.19
N THR A 34 -8.97 -6.78 -0.13
CA THR A 34 -9.73 -6.69 -1.37
C THR A 34 -8.84 -6.92 -2.61
N VAL A 35 -7.55 -6.60 -2.50
CA VAL A 35 -6.64 -6.79 -3.62
C VAL A 35 -6.26 -8.26 -3.75
N MET A 36 -5.72 -8.83 -2.67
CA MET A 36 -5.31 -10.23 -2.65
C MET A 36 -6.49 -11.14 -2.98
N ARG A 37 -7.67 -10.77 -2.48
CA ARG A 37 -8.90 -11.55 -2.71
C ARG A 37 -9.15 -11.77 -4.20
N SER A 38 -8.94 -10.73 -5.00
CA SER A 38 -9.17 -10.80 -6.44
C SER A 38 -7.93 -11.27 -7.19
N LEU A 39 -6.77 -11.14 -6.56
CA LEU A 39 -5.51 -11.53 -7.18
C LEU A 39 -5.28 -13.03 -7.11
N GLY A 40 -5.68 -13.65 -6.01
CA GLY A 40 -5.48 -15.08 -5.84
C GLY A 40 -6.14 -15.61 -4.59
N GLN A 41 -7.37 -15.17 -4.34
CA GLN A 41 -8.17 -15.58 -3.17
C GLN A 41 -7.61 -14.99 -1.87
N ASN A 42 -8.52 -14.71 -0.94
CA ASN A 42 -8.13 -14.15 0.35
C ASN A 42 -8.14 -15.24 1.42
N PRO A 43 -7.10 -15.30 2.27
CA PRO A 43 -7.02 -16.29 3.34
C PRO A 43 -7.96 -15.97 4.49
N THR A 44 -7.69 -16.56 5.65
CA THR A 44 -8.52 -16.32 6.81
C THR A 44 -8.20 -14.95 7.42
N GLU A 45 -9.11 -14.45 8.25
CA GLU A 45 -8.93 -13.15 8.87
C GLU A 45 -7.70 -13.14 9.77
N ALA A 46 -7.38 -14.28 10.35
CA ALA A 46 -6.20 -14.39 11.21
C ALA A 46 -4.93 -14.09 10.41
N GLU A 47 -4.80 -14.73 9.25
CA GLU A 47 -3.64 -14.53 8.38
C GLU A 47 -3.62 -13.12 7.82
N LEU A 48 -4.80 -12.58 7.56
CA LEU A 48 -4.94 -11.24 7.01
C LEU A 48 -4.61 -10.19 8.05
N GLN A 49 -4.93 -10.46 9.30
CA GLN A 49 -4.65 -9.53 10.38
C GLN A 49 -3.16 -9.50 10.64
N ASP A 50 -2.53 -10.67 10.58
CA ASP A 50 -1.10 -10.79 10.79
C ASP A 50 -0.35 -9.94 9.77
N MET A 51 -0.94 -9.85 8.58
CA MET A 51 -0.36 -9.08 7.49
C MET A 51 -0.25 -7.60 7.86
N ILE A 52 -1.33 -7.04 8.43
CA ILE A 52 -1.30 -5.63 8.82
C ILE A 52 -0.50 -5.41 10.11
N ASN A 53 -0.28 -6.48 10.86
CA ASN A 53 0.49 -6.40 12.11
C ASN A 53 1.99 -6.35 11.80
N GLU A 54 2.35 -6.80 10.61
CA GLU A 54 3.75 -6.81 10.17
C GLU A 54 4.07 -5.61 9.28
N VAL A 55 3.15 -4.68 9.19
CA VAL A 55 3.35 -3.53 8.31
C VAL A 55 2.92 -2.22 8.96
N ASP A 56 2.21 -2.32 10.07
CA ASP A 56 1.79 -1.13 10.79
C ASP A 56 2.58 -1.04 12.09
N ALA A 57 3.63 -0.23 12.08
CA ALA A 57 4.52 -0.07 13.24
C ALA A 57 3.85 0.72 14.36
N ASP A 58 2.84 1.51 14.01
CA ASP A 58 2.10 2.29 15.00
C ASP A 58 1.16 1.40 15.80
N GLY A 59 0.79 0.28 15.20
CA GLY A 59 -0.08 -0.67 15.88
C GLY A 59 -1.51 -0.23 15.93
N ASN A 60 -1.94 0.54 14.95
CA ASN A 60 -3.32 1.02 14.89
C ASN A 60 -4.05 0.28 13.78
N GLY A 61 -3.30 -0.24 12.81
CA GLY A 61 -3.89 -0.98 11.73
C GLY A 61 -4.13 -0.14 10.48
N THR A 62 -3.82 1.14 10.57
CA THR A 62 -4.03 2.04 9.44
C THR A 62 -2.77 2.83 9.11
N ILE A 63 -2.66 3.22 7.85
CA ILE A 63 -1.52 3.99 7.41
C ILE A 63 -1.99 5.19 6.59
N ASP A 64 -1.59 6.38 7.02
CA ASP A 64 -1.95 7.62 6.34
C ASP A 64 -0.82 8.06 5.40
N PHE A 65 -0.95 9.27 4.86
CA PHE A 65 0.02 9.86 3.93
C PHE A 65 1.44 9.85 4.53
N PRO A 66 1.65 10.43 5.74
CA PRO A 66 2.99 10.47 6.40
C PRO A 66 3.59 9.07 6.50
N GLU A 67 2.76 8.12 6.88
CA GLU A 67 3.17 6.74 7.00
C GLU A 67 3.56 6.20 5.63
N PHE A 68 2.69 6.41 4.65
CA PHE A 68 2.93 5.94 3.29
C PHE A 68 4.24 6.50 2.76
N LEU A 69 4.46 7.78 3.01
CA LEU A 69 5.67 8.47 2.58
C LEU A 69 6.93 7.76 3.09
N THR A 70 6.85 7.14 4.26
CA THR A 70 7.98 6.44 4.83
C THR A 70 7.95 4.95 4.48
N MET A 71 6.75 4.38 4.46
CA MET A 71 6.58 2.96 4.18
C MET A 71 7.07 2.61 2.78
N MET A 72 6.49 3.23 1.78
CA MET A 72 6.86 2.96 0.40
C MET A 72 8.17 3.65 0.02
N ALA A 73 9.05 3.78 1.00
CA ALA A 73 10.32 4.44 0.77
C ALA A 73 11.48 3.66 1.43
N ARG A 74 11.15 2.86 2.44
CA ARG A 74 12.16 2.11 3.17
C ARG A 74 12.21 0.66 2.69
N LYS A 75 13.16 0.37 1.81
CA LYS A 75 13.33 -0.97 1.28
C LYS A 75 14.32 -1.76 2.13
N MET A 76 14.58 -3.00 1.75
CA MET A 76 15.51 -3.87 2.50
C MET A 76 16.58 -4.42 1.56
N LYS A 77 17.43 -5.30 2.08
CA LYS A 77 18.50 -5.90 1.28
C LYS A 77 18.18 -7.36 1.03
N ASP A 78 16.89 -7.64 0.91
CA ASP A 78 16.40 -9.00 0.72
C ASP A 78 16.32 -9.36 -0.77
N THR A 79 15.66 -10.46 -1.07
CA THR A 79 15.53 -10.90 -2.45
C THR A 79 14.04 -11.02 -2.83
N ASP A 80 13.66 -10.29 -3.88
CA ASP A 80 12.28 -10.31 -4.34
C ASP A 80 12.08 -11.39 -5.40
N ARG B 1 7.25 -10.96 4.19
CA ARG B 1 6.91 -9.81 5.06
C ARG B 1 5.88 -8.91 4.38
N ALA B 2 5.07 -8.22 5.18
CA ALA B 2 4.04 -7.32 4.67
C ALA B 2 4.60 -6.24 3.76
N ALA B 3 5.88 -5.91 3.96
CA ALA B 3 6.52 -4.87 3.17
C ALA B 3 6.74 -5.27 1.70
N ASN B 4 6.36 -6.49 1.38
CA ASN B 4 6.44 -6.97 0.01
C ASN B 4 5.03 -7.18 -0.54
N LEU B 5 4.13 -7.52 0.36
CA LEU B 5 2.74 -7.75 0.02
C LEU B 5 2.00 -6.42 -0.09
N TRP B 6 2.71 -5.36 0.27
CA TRP B 6 2.20 -4.00 0.14
C TRP B 6 2.64 -3.47 -1.24
N PRO B 7 3.96 -3.52 -1.55
CA PRO B 7 4.49 -3.14 -2.87
C PRO B 7 3.77 -3.82 -4.03
N SER B 8 3.37 -5.08 -3.83
CA SER B 8 2.66 -5.83 -4.87
C SER B 8 1.35 -5.11 -5.26
N PRO B 9 0.38 -4.92 -4.33
CA PRO B 9 -0.89 -4.21 -4.63
C PRO B 9 -0.66 -2.83 -5.23
N LEU B 10 0.43 -2.19 -4.82
CA LEU B 10 0.78 -0.88 -5.34
C LEU B 10 1.19 -0.99 -6.81
N MET B 11 1.84 -2.10 -7.14
CA MET B 11 2.26 -2.39 -8.51
C MET B 11 1.02 -2.69 -9.34
N ILE B 12 0.07 -3.40 -8.73
CA ILE B 12 -1.20 -3.71 -9.38
C ILE B 12 -1.91 -2.40 -9.70
N LYS B 13 -1.80 -1.45 -8.76
CA LYS B 13 -2.39 -0.12 -8.96
C LYS B 13 -1.79 0.52 -10.20
N ARG B 14 -0.48 0.33 -10.36
CA ARG B 14 0.24 0.89 -11.50
C ARG B 14 -0.25 0.25 -12.80
N SER B 15 -0.48 -1.05 -12.76
CA SER B 15 -1.00 -1.78 -13.91
C SER B 15 -2.38 -1.27 -14.26
N LYS B 16 -3.15 -0.92 -13.24
CA LYS B 16 -4.49 -0.40 -13.44
C LYS B 16 -4.41 1.05 -13.91
N LYS B 17 -3.37 1.74 -13.48
CA LYS B 17 -3.14 3.14 -13.86
C LYS B 17 -2.80 3.20 -15.34
N ASN B 18 -2.09 2.16 -15.78
CA ASN B 18 -1.67 2.03 -17.16
C ASN B 18 -2.87 1.59 -18.02
N SER B 19 -3.67 0.69 -17.49
CA SER B 19 -4.84 0.17 -18.19
C SER B 19 -6.07 1.05 -17.92
CA CA C . -10.42 3.18 2.24
CA CA D . -0.26 2.96 10.95
N ALA A 1 14.69 26.36 -4.91
CA ALA A 1 15.47 25.10 -4.96
C ALA A 1 14.56 23.92 -5.25
N ASP A 2 15.04 22.72 -4.95
CA ASP A 2 14.26 21.52 -5.17
C ASP A 2 13.16 21.39 -4.13
N GLN A 3 12.15 22.22 -4.28
CA GLN A 3 11.01 22.22 -3.38
C GLN A 3 9.79 21.61 -4.06
N LEU A 4 9.59 22.01 -5.30
CA LEU A 4 8.45 21.55 -6.06
C LEU A 4 8.88 20.67 -7.22
N THR A 5 9.21 19.43 -6.90
CA THR A 5 9.64 18.50 -7.92
C THR A 5 8.46 17.69 -8.43
N GLU A 6 7.74 17.06 -7.49
CA GLU A 6 6.57 16.24 -7.83
C GLU A 6 6.93 15.16 -8.84
N GLU A 7 7.79 14.25 -8.47
CA GLU A 7 8.22 13.20 -9.39
C GLU A 7 7.69 11.83 -8.96
N GLN A 8 7.99 11.43 -7.74
CA GLN A 8 7.54 10.14 -7.23
C GLN A 8 6.23 10.31 -6.46
N ILE A 9 6.01 11.53 -5.96
CA ILE A 9 4.80 11.82 -5.20
C ILE A 9 3.56 11.72 -6.10
N ALA A 10 3.75 11.85 -7.40
CA ALA A 10 2.64 11.76 -8.34
C ALA A 10 2.11 10.33 -8.42
N GLU A 11 2.95 9.34 -8.14
CA GLU A 11 2.54 7.95 -8.19
C GLU A 11 2.07 7.46 -6.81
N PHE A 12 2.35 8.25 -5.78
CA PHE A 12 1.93 7.89 -4.43
C PHE A 12 0.46 8.25 -4.22
N LYS A 13 0.06 9.37 -4.81
CA LYS A 13 -1.32 9.86 -4.71
C LYS A 13 -2.30 8.87 -5.32
N GLU A 14 -1.78 8.03 -6.21
CA GLU A 14 -2.60 7.06 -6.92
C GLU A 14 -3.07 5.94 -6.00
N ALA A 15 -2.36 5.72 -4.90
CA ALA A 15 -2.74 4.69 -3.95
C ALA A 15 -4.02 5.07 -3.21
N PHE A 16 -4.17 6.35 -2.94
CA PHE A 16 -5.34 6.85 -2.23
C PHE A 16 -6.45 7.14 -3.23
N SER A 17 -6.30 6.59 -4.43
CA SER A 17 -7.27 6.81 -5.48
C SER A 17 -7.81 5.49 -6.06
N LEU A 18 -6.89 4.64 -6.53
CA LEU A 18 -7.29 3.38 -7.14
C LEU A 18 -7.22 2.22 -6.16
N PHE A 19 -6.30 2.31 -5.20
CA PHE A 19 -6.14 1.24 -4.22
C PHE A 19 -7.30 1.26 -3.21
N ASP A 20 -7.76 2.47 -2.92
CA ASP A 20 -8.87 2.64 -1.98
C ASP A 20 -10.19 2.64 -2.76
N LYS A 21 -11.22 2.02 -2.20
CA LYS A 21 -12.51 1.95 -2.88
C LYS A 21 -13.60 2.71 -2.12
N ASP A 22 -13.23 3.42 -1.07
CA ASP A 22 -14.23 4.15 -0.30
C ASP A 22 -14.16 5.64 -0.58
N GLY A 23 -12.98 6.21 -0.44
CA GLY A 23 -12.81 7.63 -0.66
C GLY A 23 -11.89 8.26 0.37
N ASP A 24 -11.32 7.44 1.24
CA ASP A 24 -10.41 7.94 2.27
C ASP A 24 -8.98 7.91 1.75
N GLY A 25 -8.54 6.72 1.37
CA GLY A 25 -7.19 6.55 0.86
C GLY A 25 -6.33 5.75 1.82
N THR A 26 -6.64 5.87 3.09
CA THR A 26 -5.92 5.18 4.15
C THR A 26 -5.86 3.68 3.91
N ILE A 27 -4.67 3.12 3.98
CA ILE A 27 -4.50 1.70 3.78
C ILE A 27 -4.92 0.92 5.02
N THR A 28 -6.03 0.24 4.92
CA THR A 28 -6.52 -0.57 6.00
C THR A 28 -6.67 -2.00 5.51
N THR A 29 -6.93 -2.91 6.42
CA THR A 29 -7.08 -4.31 6.06
C THR A 29 -8.19 -4.52 5.03
N LYS A 30 -9.21 -3.67 5.08
CA LYS A 30 -10.33 -3.76 4.15
C LYS A 30 -9.91 -3.52 2.70
N GLU A 31 -9.09 -2.50 2.48
CA GLU A 31 -8.65 -2.15 1.13
C GLU A 31 -7.51 -3.04 0.66
N LEU A 32 -6.81 -3.64 1.61
CA LEU A 32 -5.69 -4.51 1.30
C LEU A 32 -6.18 -5.90 0.89
N GLY A 33 -7.12 -6.43 1.66
CA GLY A 33 -7.65 -7.77 1.39
C GLY A 33 -8.47 -7.82 0.12
N THR A 34 -9.21 -6.76 -0.17
CA THR A 34 -10.02 -6.72 -1.38
C THR A 34 -9.18 -6.90 -2.62
N VAL A 35 -7.93 -6.45 -2.58
CA VAL A 35 -7.03 -6.57 -3.71
C VAL A 35 -6.61 -8.02 -3.86
N MET A 36 -6.02 -8.54 -2.78
CA MET A 36 -5.55 -9.92 -2.74
C MET A 36 -6.65 -10.89 -3.16
N ARG A 37 -7.82 -10.69 -2.61
CA ARG A 37 -8.97 -11.53 -2.90
C ARG A 37 -9.29 -11.54 -4.39
N SER A 38 -9.12 -10.39 -5.03
CA SER A 38 -9.41 -10.26 -6.45
C SER A 38 -8.16 -10.44 -7.30
N LEU A 39 -7.09 -10.96 -6.69
CA LEU A 39 -5.84 -11.17 -7.41
C LEU A 39 -5.42 -12.63 -7.36
N GLY A 40 -5.54 -13.25 -6.19
CA GLY A 40 -5.17 -14.65 -6.05
C GLY A 40 -5.72 -15.27 -4.79
N GLN A 41 -7.03 -15.09 -4.58
CA GLN A 41 -7.75 -15.62 -3.41
C GLN A 41 -7.39 -14.86 -2.13
N ASN A 42 -8.37 -14.74 -1.25
CA ASN A 42 -8.18 -14.06 0.02
C ASN A 42 -7.67 -15.05 1.06
N PRO A 43 -6.74 -14.62 1.93
CA PRO A 43 -6.19 -15.47 2.97
C PRO A 43 -7.15 -15.60 4.15
N THR A 44 -6.72 -16.23 5.23
CA THR A 44 -7.56 -16.38 6.39
C THR A 44 -7.50 -15.09 7.21
N GLU A 45 -8.48 -14.88 8.07
CA GLU A 45 -8.53 -13.68 8.88
C GLU A 45 -7.26 -13.48 9.71
N ALA A 46 -6.67 -14.58 10.11
CA ALA A 46 -5.43 -14.54 10.89
C ALA A 46 -4.30 -13.94 10.06
N GLU A 47 -4.08 -14.49 8.87
CA GLU A 47 -3.02 -14.00 7.99
C GLU A 47 -3.29 -12.56 7.56
N LEU A 48 -4.55 -12.21 7.41
CA LEU A 48 -4.93 -10.87 7.02
C LEU A 48 -4.52 -9.86 8.10
N GLN A 49 -4.83 -10.19 9.36
CA GLN A 49 -4.49 -9.30 10.46
C GLN A 49 -3.00 -9.27 10.71
N ASP A 50 -2.33 -10.38 10.48
CA ASP A 50 -0.89 -10.43 10.68
C ASP A 50 -0.18 -9.63 9.60
N MET A 51 -0.82 -9.53 8.46
CA MET A 51 -0.29 -8.78 7.34
C MET A 51 -0.12 -7.31 7.71
N ILE A 52 -1.11 -6.74 8.40
CA ILE A 52 -1.05 -5.34 8.79
C ILE A 52 -0.12 -5.16 9.99
N ASN A 53 0.22 -6.28 10.63
CA ASN A 53 1.12 -6.27 11.78
C ASN A 53 2.56 -6.14 11.30
N GLU A 54 2.77 -6.50 10.05
CA GLU A 54 4.09 -6.44 9.44
C GLU A 54 4.24 -5.18 8.60
N VAL A 55 3.44 -4.15 8.88
CA VAL A 55 3.49 -2.93 8.08
C VAL A 55 3.04 -1.69 8.82
N ASP A 56 2.04 -1.81 9.68
CA ASP A 56 1.57 -0.65 10.43
C ASP A 56 2.33 -0.56 11.74
N ALA A 57 3.44 0.18 11.70
CA ALA A 57 4.33 0.36 12.84
C ALA A 57 3.67 1.08 14.02
N ASP A 58 2.65 1.89 13.74
CA ASP A 58 1.95 2.63 14.77
C ASP A 58 1.02 1.70 15.57
N GLY A 59 0.84 0.49 15.05
CA GLY A 59 0.00 -0.50 15.71
C GLY A 59 -1.47 -0.12 15.79
N ASN A 60 -2.04 0.30 14.68
CA ASN A 60 -3.45 0.66 14.64
C ASN A 60 -4.14 -0.06 13.47
N GLY A 61 -3.37 -0.38 12.45
CA GLY A 61 -3.89 -1.10 11.31
C GLY A 61 -4.32 -0.19 10.17
N THR A 62 -3.86 1.05 10.19
CA THR A 62 -4.20 2.02 9.14
C THR A 62 -2.99 2.89 8.80
N ILE A 63 -2.81 3.17 7.51
CA ILE A 63 -1.70 4.00 7.07
C ILE A 63 -2.19 5.20 6.25
N ASP A 64 -1.90 6.39 6.76
CA ASP A 64 -2.29 7.64 6.11
C ASP A 64 -1.15 8.14 5.20
N PHE A 65 -1.26 9.39 4.75
CA PHE A 65 -0.25 10.01 3.87
C PHE A 65 1.16 10.00 4.49
N PRO A 66 1.33 10.53 5.72
CA PRO A 66 2.65 10.55 6.38
C PRO A 66 3.24 9.15 6.51
N GLU A 67 2.37 8.18 6.77
CA GLU A 67 2.77 6.80 6.93
C GLU A 67 3.17 6.19 5.59
N PHE A 68 2.43 6.54 4.55
CA PHE A 68 2.70 6.03 3.22
C PHE A 68 4.04 6.57 2.72
N LEU A 69 4.32 7.83 3.06
CA LEU A 69 5.57 8.47 2.67
C LEU A 69 6.76 7.76 3.31
N THR A 70 6.54 7.23 4.50
CA THR A 70 7.58 6.52 5.24
C THR A 70 7.53 5.01 4.93
N MET A 71 6.74 4.64 3.93
CA MET A 71 6.60 3.25 3.55
C MET A 71 7.05 3.01 2.12
N MET A 72 6.32 3.54 1.14
CA MET A 72 6.66 3.34 -0.27
C MET A 72 7.92 4.09 -0.65
N ALA A 73 8.31 5.06 0.17
CA ALA A 73 9.52 5.82 -0.09
C ALA A 73 10.65 5.36 0.84
N ARG A 74 10.42 4.26 1.55
CA ARG A 74 11.40 3.74 2.49
C ARG A 74 11.68 2.26 2.26
N LYS A 75 11.70 1.83 1.01
CA LYS A 75 11.95 0.43 0.69
C LYS A 75 13.38 0.04 1.05
N MET A 76 13.60 -1.23 1.26
CA MET A 76 14.93 -1.73 1.64
C MET A 76 15.75 -2.15 0.44
N LYS A 77 17.08 -2.14 0.60
CA LYS A 77 18.01 -2.50 -0.47
C LYS A 77 18.20 -4.01 -0.50
N ASP A 78 17.12 -4.72 -0.78
CA ASP A 78 17.14 -6.17 -0.83
C ASP A 78 16.86 -6.63 -2.26
N THR A 79 16.55 -7.89 -2.42
CA THR A 79 16.26 -8.44 -3.72
C THR A 79 14.76 -8.48 -3.98
N ASP A 80 14.23 -7.42 -4.54
CA ASP A 80 12.81 -7.36 -4.83
C ASP A 80 12.50 -7.82 -6.25
N ARG B 1 5.97 -10.90 3.97
CA ARG B 1 6.26 -9.54 4.48
C ARG B 1 5.34 -8.53 3.80
N ALA B 2 4.75 -7.62 4.57
CA ALA B 2 3.84 -6.63 4.03
C ALA B 2 4.49 -5.70 3.00
N ALA B 3 5.79 -5.49 3.13
CA ALA B 3 6.51 -4.61 2.21
C ALA B 3 6.66 -5.20 0.81
N ASN B 4 6.10 -6.38 0.63
CA ASN B 4 6.07 -7.07 -0.65
C ASN B 4 4.63 -7.20 -1.11
N LEU B 5 3.78 -7.44 -0.12
CA LEU B 5 2.36 -7.61 -0.35
C LEU B 5 1.67 -6.27 -0.51
N TRP B 6 2.43 -5.21 -0.26
CA TRP B 6 1.95 -3.85 -0.47
C TRP B 6 2.38 -3.43 -1.88
N PRO B 7 3.70 -3.53 -2.20
CA PRO B 7 4.21 -3.24 -3.55
C PRO B 7 3.45 -3.98 -4.64
N SER B 8 3.03 -5.22 -4.38
CA SER B 8 2.28 -6.00 -5.36
C SER B 8 0.97 -5.28 -5.72
N PRO B 9 0.05 -5.03 -4.75
CA PRO B 9 -1.18 -4.28 -5.02
C PRO B 9 -0.90 -2.94 -5.73
N LEU B 10 0.18 -2.27 -5.34
CA LEU B 10 0.56 -0.99 -5.96
C LEU B 10 0.93 -1.21 -7.44
N MET B 11 1.56 -2.34 -7.72
CA MET B 11 1.93 -2.70 -9.09
C MET B 11 0.67 -2.95 -9.89
N ILE B 12 -0.28 -3.63 -9.27
CA ILE B 12 -1.56 -3.92 -9.89
C ILE B 12 -2.27 -2.61 -10.17
N LYS B 13 -2.07 -1.66 -9.27
CA LYS B 13 -2.64 -0.33 -9.40
C LYS B 13 -2.01 0.37 -10.59
N ARG B 14 -0.70 0.19 -10.74
CA ARG B 14 0.03 0.81 -11.85
C ARG B 14 -0.47 0.25 -13.17
N SER B 15 -0.73 -1.04 -13.19
CA SER B 15 -1.26 -1.70 -14.37
C SER B 15 -2.65 -1.15 -14.68
N LYS B 16 -3.46 -1.00 -13.64
CA LYS B 16 -4.82 -0.47 -13.79
C LYS B 16 -4.78 1.01 -14.19
N LYS B 17 -3.82 1.74 -13.64
CA LYS B 17 -3.65 3.16 -13.94
C LYS B 17 -3.30 3.32 -15.41
N ASN B 18 -2.58 2.33 -15.92
CA ASN B 18 -2.14 2.32 -17.30
C ASN B 18 -3.24 1.81 -18.22
N SER B 19 -4.19 1.08 -17.65
CA SER B 19 -5.31 0.55 -18.42
C SER B 19 -6.50 1.51 -18.36
CA CA C . -10.46 3.29 2.47
CA CA D . -0.62 3.27 10.92
N ALA A 1 16.12 24.12 -7.08
CA ALA A 1 16.55 22.77 -6.66
C ALA A 1 15.34 21.84 -6.57
N ASP A 2 15.32 20.98 -5.56
CA ASP A 2 14.23 20.01 -5.40
C ASP A 2 12.98 20.67 -4.80
N GLN A 3 12.47 21.69 -5.48
CA GLN A 3 11.28 22.38 -5.05
C GLN A 3 10.11 21.95 -5.92
N LEU A 4 10.39 21.85 -7.22
CA LEU A 4 9.40 21.44 -8.19
C LEU A 4 9.60 19.97 -8.55
N THR A 5 9.47 19.13 -7.52
CA THR A 5 9.63 17.68 -7.66
C THR A 5 8.48 17.05 -8.45
N GLU A 6 7.45 16.57 -7.73
CA GLU A 6 6.26 15.95 -8.32
C GLU A 6 6.59 15.00 -9.48
N GLU A 7 7.43 14.01 -9.22
CA GLU A 7 7.79 13.05 -10.25
C GLU A 7 7.31 11.65 -9.89
N GLN A 8 7.58 11.22 -8.67
CA GLN A 8 7.16 9.92 -8.22
C GLN A 8 5.96 10.06 -7.28
N ILE A 9 5.88 11.24 -6.63
CA ILE A 9 4.80 11.55 -5.70
C ILE A 9 3.45 11.42 -6.39
N ALA A 10 3.46 11.64 -7.70
CA ALA A 10 2.26 11.55 -8.51
C ALA A 10 1.71 10.12 -8.50
N GLU A 11 2.60 9.14 -8.59
CA GLU A 11 2.21 7.73 -8.64
C GLU A 11 1.87 7.22 -7.24
N PHE A 12 2.29 7.95 -6.22
CA PHE A 12 2.01 7.60 -4.84
C PHE A 12 0.62 8.07 -4.44
N LYS A 13 0.24 9.26 -4.91
CA LYS A 13 -1.08 9.83 -4.62
C LYS A 13 -2.16 9.02 -5.34
N GLU A 14 -1.74 8.20 -6.29
CA GLU A 14 -2.63 7.37 -7.07
C GLU A 14 -3.17 6.22 -6.22
N ALA A 15 -2.51 5.95 -5.10
CA ALA A 15 -2.94 4.87 -4.22
C ALA A 15 -4.24 5.25 -3.53
N PHE A 16 -4.41 6.53 -3.26
CA PHE A 16 -5.60 7.03 -2.59
C PHE A 16 -6.76 7.17 -3.57
N SER A 17 -6.57 6.74 -4.81
CA SER A 17 -7.61 6.84 -5.81
C SER A 17 -7.92 5.46 -6.43
N LEU A 18 -6.87 4.73 -6.82
CA LEU A 18 -7.06 3.42 -7.43
C LEU A 18 -7.00 2.29 -6.40
N PHE A 19 -6.10 2.41 -5.44
CA PHE A 19 -5.93 1.39 -4.42
C PHE A 19 -7.07 1.43 -3.41
N ASP A 20 -7.46 2.63 -3.02
CA ASP A 20 -8.53 2.80 -2.05
C ASP A 20 -9.90 2.84 -2.75
N LYS A 21 -10.87 2.14 -2.18
CA LYS A 21 -12.21 2.07 -2.79
C LYS A 21 -13.23 2.91 -2.02
N ASP A 22 -12.86 3.36 -0.84
CA ASP A 22 -13.75 4.16 -0.01
C ASP A 22 -13.58 5.64 -0.30
N GLY A 23 -12.34 6.06 -0.47
CA GLY A 23 -12.06 7.45 -0.75
C GLY A 23 -11.50 8.13 0.48
N ASP A 24 -11.03 7.31 1.43
CA ASP A 24 -10.47 7.83 2.68
C ASP A 24 -8.95 7.89 2.61
N GLY A 25 -8.38 7.11 1.69
CA GLY A 25 -6.93 7.11 1.51
C GLY A 25 -6.17 6.25 2.50
N THR A 26 -6.52 6.35 3.79
CA THR A 26 -5.85 5.59 4.84
C THR A 26 -5.83 4.09 4.52
N ILE A 27 -4.65 3.48 4.62
CA ILE A 27 -4.51 2.05 4.33
C ILE A 27 -4.87 1.18 5.53
N THR A 28 -5.92 0.40 5.35
CA THR A 28 -6.41 -0.50 6.38
C THR A 28 -6.52 -1.93 5.81
N THR A 29 -6.79 -2.89 6.68
CA THR A 29 -6.94 -4.29 6.28
C THR A 29 -8.01 -4.49 5.22
N LYS A 30 -9.00 -3.61 5.20
CA LYS A 30 -10.09 -3.71 4.25
C LYS A 30 -9.64 -3.44 2.82
N GLU A 31 -8.74 -2.47 2.63
CA GLU A 31 -8.27 -2.14 1.29
C GLU A 31 -7.13 -3.05 0.87
N LEU A 32 -6.50 -3.67 1.85
CA LEU A 32 -5.38 -4.57 1.59
C LEU A 32 -5.89 -5.94 1.12
N GLY A 33 -6.96 -6.41 1.75
CA GLY A 33 -7.51 -7.70 1.41
C GLY A 33 -8.36 -7.68 0.15
N THR A 34 -8.97 -6.55 -0.17
CA THR A 34 -9.82 -6.45 -1.35
C THR A 34 -9.01 -6.63 -2.63
N VAL A 35 -7.71 -6.33 -2.57
CA VAL A 35 -6.84 -6.46 -3.71
C VAL A 35 -6.43 -7.91 -3.87
N MET A 36 -5.84 -8.48 -2.81
CA MET A 36 -5.41 -9.87 -2.80
C MET A 36 -6.56 -10.80 -3.17
N ARG A 37 -7.74 -10.48 -2.67
CA ARG A 37 -8.94 -11.26 -2.92
C ARG A 37 -9.31 -11.26 -4.41
N SER A 38 -9.12 -10.13 -5.08
CA SER A 38 -9.48 -10.01 -6.48
C SER A 38 -8.32 -10.31 -7.39
N LEU A 39 -7.19 -10.69 -6.80
CA LEU A 39 -6.00 -11.00 -7.55
C LEU A 39 -5.71 -12.50 -7.51
N GLY A 40 -5.55 -13.04 -6.31
CA GLY A 40 -5.25 -14.45 -6.19
C GLY A 40 -5.87 -15.09 -4.97
N GLN A 41 -7.14 -14.78 -4.73
CA GLN A 41 -7.90 -15.32 -3.60
C GLN A 41 -7.46 -14.71 -2.27
N ASN A 42 -8.44 -14.45 -1.42
CA ASN A 42 -8.18 -13.85 -0.11
C ASN A 42 -7.74 -14.91 0.89
N PRO A 43 -6.74 -14.61 1.73
CA PRO A 43 -6.23 -15.55 2.74
C PRO A 43 -7.17 -15.67 3.95
N THR A 44 -6.66 -16.26 5.04
CA THR A 44 -7.46 -16.40 6.26
C THR A 44 -7.48 -15.10 7.02
N GLU A 45 -8.45 -14.95 7.92
CA GLU A 45 -8.58 -13.74 8.72
C GLU A 45 -7.30 -13.50 9.54
N ALA A 46 -6.70 -14.58 10.03
CA ALA A 46 -5.48 -14.49 10.81
C ALA A 46 -4.34 -13.93 9.93
N GLU A 47 -4.19 -14.48 8.72
CA GLU A 47 -3.16 -14.02 7.79
C GLU A 47 -3.42 -12.56 7.40
N LEU A 48 -4.69 -12.24 7.18
CA LEU A 48 -5.08 -10.90 6.81
C LEU A 48 -4.67 -9.87 7.87
N GLN A 49 -4.88 -10.23 9.13
CA GLN A 49 -4.54 -9.35 10.24
C GLN A 49 -3.03 -9.33 10.50
N ASP A 50 -2.37 -10.46 10.31
CA ASP A 50 -0.92 -10.55 10.54
C ASP A 50 -0.18 -9.73 9.49
N MET A 51 -0.79 -9.53 8.33
CA MET A 51 -0.17 -8.76 7.27
C MET A 51 0.00 -7.32 7.70
N ILE A 52 -1.04 -6.76 8.31
CA ILE A 52 -0.99 -5.38 8.78
C ILE A 52 -0.05 -5.26 9.98
N ASN A 53 0.17 -6.40 10.65
CA ASN A 53 1.06 -6.43 11.80
C ASN A 53 2.51 -6.45 11.31
N GLU A 54 2.67 -6.78 10.05
CA GLU A 54 3.99 -6.84 9.43
C GLU A 54 4.31 -5.54 8.68
N VAL A 55 3.38 -4.59 8.70
CA VAL A 55 3.60 -3.31 8.02
C VAL A 55 3.48 -2.12 8.96
N ASP A 56 2.44 -2.11 9.79
CA ASP A 56 2.24 -1.01 10.71
C ASP A 56 3.18 -1.11 11.91
N ALA A 57 4.27 -0.34 11.84
CA ALA A 57 5.28 -0.31 12.89
C ALA A 57 4.83 0.54 14.08
N ASP A 58 3.88 1.45 13.83
CA ASP A 58 3.37 2.35 14.86
C ASP A 58 2.39 1.64 15.80
N GLY A 59 2.14 0.37 15.54
CA GLY A 59 1.26 -0.43 16.37
C GLY A 59 -0.13 0.16 16.53
N ASN A 60 -0.73 0.58 15.43
CA ASN A 60 -2.07 1.15 15.43
C ASN A 60 -2.94 0.43 14.41
N GLY A 61 -2.29 -0.28 13.49
CA GLY A 61 -2.99 -1.04 12.48
C GLY A 61 -3.55 -0.17 11.37
N THR A 62 -2.97 1.00 11.19
CA THR A 62 -3.39 1.91 10.14
C THR A 62 -2.23 2.78 9.67
N ILE A 63 -2.23 3.13 8.39
CA ILE A 63 -1.19 3.96 7.84
C ILE A 63 -1.79 5.18 7.19
N ASP A 64 -1.58 6.32 7.82
CA ASP A 64 -2.09 7.59 7.33
C ASP A 64 -1.19 8.10 6.20
N PHE A 65 -1.49 9.29 5.70
CA PHE A 65 -0.72 9.90 4.62
C PHE A 65 0.76 10.06 5.01
N PRO A 66 1.08 10.70 6.17
CA PRO A 66 2.48 10.87 6.62
C PRO A 66 3.21 9.52 6.76
N GLU A 67 2.47 8.50 7.17
CA GLU A 67 3.03 7.18 7.35
C GLU A 67 3.37 6.57 5.98
N PHE A 68 2.49 6.81 5.01
CA PHE A 68 2.64 6.29 3.66
C PHE A 68 3.94 6.78 3.02
N LEU A 69 4.27 8.04 3.27
CA LEU A 69 5.49 8.65 2.74
C LEU A 69 6.73 7.94 3.29
N THR A 70 6.64 7.56 4.55
CA THR A 70 7.75 6.90 5.21
C THR A 70 7.80 5.41 4.86
N MET A 71 6.62 4.79 4.77
CA MET A 71 6.49 3.36 4.44
C MET A 71 7.03 3.04 3.05
N MET A 72 6.52 3.74 2.03
CA MET A 72 6.92 3.49 0.66
C MET A 72 8.34 3.96 0.36
N ALA A 73 8.96 4.61 1.32
CA ALA A 73 10.33 5.09 1.14
C ALA A 73 11.32 4.16 1.84
N ARG A 74 10.79 3.08 2.40
CA ARG A 74 11.63 2.12 3.12
C ARG A 74 11.44 0.71 2.55
N LYS A 75 12.06 0.43 1.41
CA LYS A 75 11.96 -0.89 0.80
C LYS A 75 13.00 -1.84 1.38
N MET A 76 12.86 -3.10 1.05
CA MET A 76 13.78 -4.12 1.54
C MET A 76 14.92 -4.35 0.56
N LYS A 77 16.04 -4.86 1.06
CA LYS A 77 17.22 -5.12 0.24
C LYS A 77 17.33 -6.60 -0.11
N ASP A 78 16.25 -7.35 0.10
CA ASP A 78 16.24 -8.77 -0.18
C ASP A 78 15.72 -9.02 -1.59
N THR A 79 15.82 -10.25 -2.05
CA THR A 79 15.34 -10.61 -3.37
C THR A 79 13.81 -10.66 -3.38
N ASP A 80 13.19 -9.88 -4.25
CA ASP A 80 11.74 -9.84 -4.34
C ASP A 80 11.25 -10.52 -5.61
N ARG B 1 7.13 -10.37 4.05
CA ARG B 1 7.04 -9.06 4.73
C ARG B 1 6.00 -8.20 4.03
N ALA B 2 5.29 -7.38 4.80
CA ALA B 2 4.25 -6.52 4.25
C ALA B 2 4.80 -5.44 3.33
N ALA B 3 6.09 -5.13 3.47
CA ALA B 3 6.73 -4.11 2.66
C ALA B 3 6.93 -4.57 1.21
N ASN B 4 6.56 -5.82 0.95
CA ASN B 4 6.60 -6.39 -0.39
C ASN B 4 5.19 -6.66 -0.88
N LEU B 5 4.33 -7.00 0.09
CA LEU B 5 2.94 -7.29 -0.20
C LEU B 5 2.15 -6.00 -0.35
N TRP B 6 2.76 -4.89 0.06
CA TRP B 6 2.16 -3.58 -0.11
C TRP B 6 2.55 -3.07 -1.50
N PRO B 7 3.87 -3.02 -1.81
CA PRO B 7 4.36 -2.66 -3.15
C PRO B 7 3.66 -3.43 -4.26
N SER B 8 3.29 -4.69 -3.99
CA SER B 8 2.60 -5.51 -4.98
C SER B 8 1.29 -4.83 -5.43
N PRO B 9 0.28 -4.62 -4.55
CA PRO B 9 -0.96 -3.92 -4.92
C PRO B 9 -0.68 -2.56 -5.59
N LEU B 10 0.37 -1.88 -5.11
CA LEU B 10 0.76 -0.59 -5.68
C LEU B 10 1.30 -0.79 -7.09
N MET B 11 1.93 -1.94 -7.32
CA MET B 11 2.47 -2.30 -8.63
C MET B 11 1.30 -2.60 -9.55
N ILE B 12 0.32 -3.33 -9.01
CA ILE B 12 -0.89 -3.65 -9.75
C ILE B 12 -1.62 -2.34 -10.07
N LYS B 13 -1.49 -1.38 -9.15
CA LYS B 13 -2.07 -0.06 -9.34
C LYS B 13 -1.41 0.60 -10.53
N ARG B 14 -0.10 0.38 -10.69
CA ARG B 14 0.66 0.92 -11.81
C ARG B 14 0.16 0.28 -13.09
N SER B 15 -0.17 -0.99 -12.99
CA SER B 15 -0.69 -1.76 -14.11
C SER B 15 -2.06 -1.21 -14.50
N LYS B 16 -2.84 -0.83 -13.49
CA LYS B 16 -4.16 -0.28 -13.72
C LYS B 16 -4.02 1.15 -14.25
N LYS B 17 -3.00 1.85 -13.77
CA LYS B 17 -2.74 3.21 -14.20
C LYS B 17 -2.31 3.18 -15.67
N ASN B 18 -1.57 2.15 -16.02
CA ASN B 18 -1.10 1.94 -17.39
C ASN B 18 -2.29 1.53 -18.26
N SER B 19 -3.14 0.68 -17.70
CA SER B 19 -4.33 0.20 -18.39
C SER B 19 -5.50 1.18 -18.18
CA CA C . -9.87 3.26 2.41
CA CA D . 0.50 3.09 11.32
#